data_5CJN
#
_entry.id   5CJN
#
_cell.length_a   78.807
_cell.length_b   78.807
_cell.length_c   223.823
_cell.angle_alpha   90.00
_cell.angle_beta   90.00
_cell.angle_gamma   90.00
#
_symmetry.space_group_name_H-M   'P 43 21 2'
#
loop_
_entity.id
_entity.type
_entity.pdbx_description
1 polymer 'Malate synthase G'
2 non-polymer 'MAGNESIUM ION'
3 non-polymer '3-(3-oxo-3,4-dihydroquinoxalin-2-yl)propanoic acid'
4 water water
#
_entity_poly.entity_id   1
_entity_poly.type   'polypeptide(L)'
_entity_poly.pdbx_seq_one_letter_code
;MTDRVSVGNLRIARVLYDFVNNEALPGTDIDPDSFWAGVDKVVADLTPQNQALLNARDELQAQIDKWHRRRVIEPIDMDA
YRQFLTEIGYLLPEPDDFTITTSGVDAEITTTAGPQLVVPVLNARFALNAANARWGSLYDALYGTDVIPETDGAEKGPTY
NKVRGDKVIAYARKFLDDSVPLSSGSFGDATGFTVQDGQLVVALPDKSTGLANPGQFAGYTGAAESPTSVLLINHGLHIE
ILIDPESQVGTTDRAGVKDVILESAITTIMDFEDSVAAVDAADKVLGYRNWLGLNKGDLAAAVDKDGTAFLRVLNRDRNY
TAPGGGQFTLPGRSLMFVRNVGHLMTNDAIVDTDGSEVFEGIMDALFTGLIAIHGLKASDVNGPLINSRTGSIYIVKPKM
HGPAEVAFT(CSO)ELFSRVEDVLGLPQNTMKIGIMDEERRTTVNLKACIKAAADRVVFINTGFLDRTGDEIHTSMEAGP
MVRKGTMKSQPWILAYEDHNVDAGLAAGFSGRAQVGKGMWTMTELMADMVETKIAQPRAGASTAWVPSPTAATLHALHYH
QVDVAAVQQGLAGKRRATIEQLLTIPLAKELAWAPDEIREEVDNNCQSILGYVVRWVDQGVGASKVPDIHDVALMEDRAT
LRISSQLLANWLRHGVITSADVRASLERMAPLVDRQNAGDVAYRPMAPNFDDSIAFLAAQELILSGAQQPNGYTEPILHR
RRREFKARAAEKPAPSDRAGDDAAR
;
_entity_poly.pdbx_strand_id   A
#
# COMPACT_ATOMS: atom_id res chain seq x y z
N THR A 2 6.99 36.81 -7.22
CA THR A 2 7.61 35.70 -6.49
C THR A 2 7.05 35.53 -5.08
N ASP A 3 6.49 34.35 -4.82
CA ASP A 3 5.83 34.05 -3.56
C ASP A 3 6.66 33.00 -2.79
N ARG A 4 7.87 33.40 -2.40
CA ARG A 4 8.80 32.50 -1.77
C ARG A 4 9.52 33.14 -0.58
N VAL A 5 9.98 32.29 0.33
CA VAL A 5 10.70 32.73 1.51
C VAL A 5 12.15 32.29 1.39
N SER A 6 13.08 33.21 1.62
CA SER A 6 14.49 32.86 1.52
C SER A 6 15.02 32.32 2.85
N VAL A 7 15.66 31.15 2.78
CA VAL A 7 16.33 30.59 3.94
C VAL A 7 17.62 29.97 3.44
N GLY A 8 18.74 30.56 3.80
CA GLY A 8 20.03 30.13 3.26
C GLY A 8 19.97 30.06 1.74
N ASN A 9 20.28 28.90 1.18
CA ASN A 9 20.29 28.74 -0.27
C ASN A 9 18.89 28.40 -0.82
N LEU A 10 17.92 28.33 0.07
CA LEU A 10 16.57 27.87 -0.32
C LEU A 10 15.56 28.99 -0.52
N ARG A 11 14.67 28.78 -1.49
CA ARG A 11 13.53 29.68 -1.72
C ARG A 11 12.23 28.89 -1.57
N ILE A 12 11.65 28.98 -0.38
CA ILE A 12 10.53 28.12 0.00
C ILE A 12 9.19 28.74 -0.34
N ALA A 13 8.31 27.99 -1.03
CA ALA A 13 6.98 28.49 -1.35
C ALA A 13 6.25 28.93 -0.09
N ARG A 14 5.62 30.10 -0.14
CA ARG A 14 5.03 30.68 1.06
C ARG A 14 4.02 29.75 1.72
N VAL A 15 3.20 29.09 0.90
CA VAL A 15 2.16 28.22 1.42
C VAL A 15 2.73 27.10 2.31
N LEU A 16 3.87 26.56 1.89
CA LEU A 16 4.55 25.54 2.66
C LEU A 16 5.19 26.14 3.92
N TYR A 17 5.89 27.25 3.74
CA TYR A 17 6.57 27.92 4.84
C TYR A 17 5.59 28.28 5.96
N ASP A 18 4.44 28.84 5.59
CA ASP A 18 3.41 29.16 6.56
C ASP A 18 2.79 27.91 7.21
N PHE A 19 2.59 26.85 6.43
CA PHE A 19 2.03 25.62 6.98
C PHE A 19 2.92 25.11 8.08
N VAL A 20 4.20 24.99 7.78
CA VAL A 20 5.15 24.45 8.75
C VAL A 20 5.21 25.27 10.05
N ASN A 21 5.26 26.60 9.93
CA ASN A 21 5.36 27.49 11.08
C ASN A 21 4.13 27.53 11.98
N ASN A 22 2.96 27.57 11.35
CA ASN A 22 1.69 27.76 12.04
C ASN A 22 1.03 26.46 12.48
N GLU A 23 1.39 25.33 11.86
CA GLU A 23 0.63 24.08 12.07
C GLU A 23 1.52 22.93 12.49
N ALA A 24 2.59 22.72 11.74
CA ALA A 24 3.48 21.59 11.98
C ALA A 24 4.40 21.79 13.18
N LEU A 25 5.08 22.93 13.24
CA LEU A 25 6.05 23.20 14.33
C LEU A 25 5.50 23.32 15.77
N PRO A 26 4.44 24.11 15.98
CA PRO A 26 4.06 24.35 17.38
C PRO A 26 3.58 23.08 18.07
N GLY A 27 4.15 22.81 19.26
CA GLY A 27 3.82 21.61 20.00
C GLY A 27 4.90 20.56 19.87
N THR A 28 5.91 20.83 19.04
CA THR A 28 7.00 19.88 18.88
C THR A 28 8.21 20.23 19.73
N ASP A 29 8.24 21.45 20.25
CA ASP A 29 9.41 21.98 20.96
C ASP A 29 10.64 22.11 20.08
N ILE A 30 10.43 22.15 18.76
CA ILE A 30 11.52 22.42 17.85
C ILE A 30 11.59 23.92 17.60
N ASP A 31 12.78 24.48 17.76
CA ASP A 31 12.98 25.90 17.49
C ASP A 31 12.90 26.13 15.99
N PRO A 32 11.95 26.94 15.55
CA PRO A 32 11.66 27.14 14.13
C PRO A 32 12.85 27.60 13.30
N ASP A 33 13.71 28.45 13.85
CA ASP A 33 14.83 28.94 13.05
C ASP A 33 15.86 27.83 12.89
N SER A 34 15.99 27.02 13.93
CA SER A 34 16.90 25.88 13.87
C SER A 34 16.39 24.80 12.88
N PHE A 35 15.08 24.57 12.85
CA PHE A 35 14.49 23.66 11.87
C PHE A 35 14.82 24.08 10.44
N TRP A 36 14.48 25.32 10.10
CA TRP A 36 14.66 25.82 8.74
C TRP A 36 16.12 25.86 8.31
N ALA A 37 17.01 26.23 9.23
CA ALA A 37 18.43 26.13 8.95
C ALA A 37 18.83 24.68 8.67
N GLY A 38 18.20 23.74 9.38
CA GLY A 38 18.52 22.34 9.22
C GLY A 38 18.06 21.80 7.88
N VAL A 39 16.90 22.28 7.42
CA VAL A 39 16.37 21.96 6.08
C VAL A 39 17.36 22.37 4.99
N ASP A 40 17.83 23.61 5.08
CA ASP A 40 18.83 24.14 4.15
C ASP A 40 20.11 23.31 4.20
N LYS A 41 20.60 23.01 5.39
CA LYS A 41 21.83 22.24 5.49
C LYS A 41 21.72 20.79 4.97
N VAL A 42 20.61 20.13 5.29
CA VAL A 42 20.42 18.75 4.81
C VAL A 42 20.30 18.71 3.29
N VAL A 43 19.56 19.64 2.72
CA VAL A 43 19.39 19.68 1.27
C VAL A 43 20.73 19.92 0.58
N ALA A 44 21.50 20.89 1.08
CA ALA A 44 22.84 21.15 0.53
C ALA A 44 23.76 19.96 0.66
N ASP A 45 23.73 19.29 1.81
CA ASP A 45 24.68 18.20 2.06
C ASP A 45 24.39 16.93 1.26
N LEU A 46 23.12 16.58 1.15
CA LEU A 46 22.72 15.27 0.61
C LEU A 46 22.37 15.27 -0.87
N THR A 47 22.07 16.44 -1.42
CA THR A 47 21.73 16.55 -2.86
C THR A 47 22.77 15.94 -3.84
N PRO A 48 24.08 16.16 -3.62
CA PRO A 48 25.07 15.55 -4.53
C PRO A 48 25.05 14.03 -4.57
N GLN A 49 24.98 13.38 -3.42
CA GLN A 49 24.87 11.93 -3.42
C GLN A 49 23.53 11.45 -4.03
N ASN A 50 22.44 12.11 -3.70
CA ASN A 50 21.14 11.78 -4.30
C ASN A 50 21.27 11.79 -5.83
N GLN A 51 21.88 12.84 -6.36
CA GLN A 51 22.07 12.97 -7.81
C GLN A 51 23.01 11.91 -8.35
N ALA A 52 24.06 11.61 -7.58
CA ALA A 52 25.06 10.63 -7.96
C ALA A 52 24.40 9.25 -8.12
N LEU A 53 23.50 8.92 -7.19
CA LEU A 53 22.79 7.65 -7.24
C LEU A 53 21.90 7.55 -8.47
N LEU A 54 21.21 8.64 -8.82
CA LEU A 54 20.36 8.63 -10.00
C LEU A 54 21.19 8.50 -11.29
N ASN A 55 22.32 9.21 -11.35
CA ASN A 55 23.28 9.04 -12.44
C ASN A 55 23.72 7.59 -12.62
N ALA A 56 23.99 6.91 -11.51
CA ALA A 56 24.42 5.52 -11.55
C ALA A 56 23.33 4.59 -12.11
N ARG A 57 22.06 4.92 -11.85
CA ARG A 57 20.96 4.18 -12.47
C ARG A 57 21.06 4.27 -13.99
N ASP A 58 21.29 5.49 -14.48
CA ASP A 58 21.30 5.75 -15.92
C ASP A 58 22.50 5.06 -16.54
N GLU A 59 23.65 5.12 -15.85
CA GLU A 59 24.86 4.49 -16.34
C GLU A 59 24.69 2.99 -16.48
N LEU A 60 24.19 2.34 -15.43
CA LEU A 60 23.95 0.90 -15.49
C LEU A 60 22.96 0.53 -16.60
N GLN A 61 21.91 1.32 -16.77
CA GLN A 61 20.89 0.99 -17.77
C GLN A 61 21.39 1.14 -19.22
N ALA A 62 22.25 2.13 -19.46
CA ALA A 62 22.80 2.31 -20.80
C ALA A 62 23.65 1.09 -21.16
N GLN A 63 24.42 0.62 -20.18
CA GLN A 63 25.24 -0.56 -20.38
C GLN A 63 24.40 -1.79 -20.70
N ILE A 64 23.25 -1.90 -20.04
CA ILE A 64 22.36 -3.02 -20.26
C ILE A 64 21.68 -2.93 -21.62
N ASP A 65 21.26 -1.73 -21.98
CA ASP A 65 20.69 -1.50 -23.31
C ASP A 65 21.69 -1.94 -24.38
N LYS A 66 22.92 -1.47 -24.24
CA LYS A 66 23.95 -1.75 -25.24
C LYS A 66 24.30 -3.24 -25.27
N TRP A 67 24.41 -3.87 -24.10
CA TRP A 67 24.68 -5.30 -24.03
C TRP A 67 23.66 -6.10 -24.85
N HIS A 68 22.37 -5.80 -24.66
CA HIS A 68 21.33 -6.49 -25.41
C HIS A 68 21.36 -6.20 -26.91
N ARG A 69 21.72 -4.97 -27.27
CA ARG A 69 21.86 -4.59 -28.68
C ARG A 69 23.13 -5.21 -29.25
N ARG A 70 24.02 -5.63 -28.34
CA ARG A 70 25.36 -6.15 -28.65
C ARG A 70 26.31 -5.11 -29.22
N ILE A 76 20.34 -14.32 -24.18
CA ILE A 76 19.85 -15.70 -24.15
C ILE A 76 20.72 -16.61 -23.26
N ASP A 77 22.03 -16.38 -23.24
CA ASP A 77 22.92 -17.18 -22.40
C ASP A 77 23.05 -16.61 -20.98
N MET A 78 22.57 -17.38 -20.02
CA MET A 78 22.45 -16.91 -18.64
C MET A 78 23.80 -16.67 -17.98
N ASP A 79 24.77 -17.55 -18.22
CA ASP A 79 26.08 -17.42 -17.59
C ASP A 79 26.82 -16.15 -17.97
N ALA A 80 26.72 -15.75 -19.24
CA ALA A 80 27.38 -14.55 -19.70
C ALA A 80 26.68 -13.30 -19.16
N TYR A 81 25.36 -13.38 -19.10
CA TYR A 81 24.52 -12.29 -18.62
C TYR A 81 24.83 -11.90 -17.17
N ARG A 82 24.84 -12.87 -16.26
CA ARG A 82 25.12 -12.53 -14.87
C ARG A 82 26.59 -12.20 -14.63
N GLN A 83 27.46 -12.73 -15.48
CA GLN A 83 28.85 -12.33 -15.42
C GLN A 83 28.90 -10.87 -15.78
N PHE A 84 28.16 -10.51 -16.83
CA PHE A 84 28.06 -9.11 -17.23
C PHE A 84 27.49 -8.24 -16.09
N LEU A 85 26.36 -8.63 -15.53
CA LEU A 85 25.74 -7.86 -14.44
C LEU A 85 26.70 -7.69 -13.26
N THR A 86 27.52 -8.69 -13.01
CA THR A 86 28.48 -8.63 -11.92
C THR A 86 29.62 -7.65 -12.20
N GLU A 87 30.12 -7.67 -13.44
CA GLU A 87 31.22 -6.77 -13.82
C GLU A 87 30.83 -5.31 -13.68
N ILE A 88 29.61 -4.96 -14.04
CA ILE A 88 29.18 -3.55 -14.02
C ILE A 88 28.68 -3.11 -12.65
N GLY A 89 28.71 -4.00 -11.67
CA GLY A 89 28.32 -3.63 -10.31
C GLY A 89 26.81 -3.59 -10.09
N TYR A 90 26.07 -4.23 -10.98
CA TYR A 90 24.62 -4.36 -10.88
C TYR A 90 24.23 -5.48 -9.94
N LEU A 91 24.85 -6.64 -10.14
CA LEU A 91 24.65 -7.76 -9.25
C LEU A 91 25.85 -7.82 -8.29
N LEU A 92 25.58 -7.60 -7.01
CA LEU A 92 26.65 -7.59 -6.00
C LEU A 92 26.70 -8.92 -5.25
N PRO A 93 27.85 -9.23 -4.63
CA PRO A 93 27.94 -10.48 -3.86
C PRO A 93 26.95 -10.49 -2.70
N GLU A 94 26.49 -11.68 -2.32
CA GLU A 94 25.61 -11.82 -1.17
C GLU A 94 26.43 -11.64 0.10
N PRO A 95 25.98 -10.75 0.99
CA PRO A 95 26.66 -10.57 2.28
C PRO A 95 26.50 -11.79 3.17
N ASP A 96 27.27 -11.84 4.25
CA ASP A 96 27.15 -12.89 5.24
C ASP A 96 25.80 -12.82 5.94
N ASP A 97 25.34 -13.97 6.45
CA ASP A 97 24.10 -14.04 7.19
C ASP A 97 24.12 -13.12 8.40
N PHE A 98 22.94 -12.63 8.79
CA PHE A 98 22.85 -11.68 9.88
C PHE A 98 21.42 -11.62 10.38
N THR A 99 21.24 -11.00 11.54
CA THR A 99 19.93 -10.77 12.09
C THR A 99 19.75 -9.26 12.22
N ILE A 100 18.58 -8.75 11.84
CA ILE A 100 18.32 -7.32 11.96
C ILE A 100 18.28 -6.94 13.42
N THR A 101 18.63 -5.69 13.71
CA THR A 101 18.77 -5.25 15.09
C THR A 101 17.78 -4.14 15.42
N THR A 102 16.79 -3.95 14.55
CA THR A 102 15.78 -2.90 14.73
C THR A 102 15.03 -3.01 16.07
N SER A 103 15.02 -1.92 16.85
CA SER A 103 14.41 -1.96 18.18
C SER A 103 13.37 -0.88 18.36
N GLY A 104 12.53 -1.02 19.38
CA GLY A 104 11.51 -0.02 19.66
C GLY A 104 10.34 -0.06 18.70
N VAL A 105 10.01 -1.25 18.20
CA VAL A 105 8.94 -1.41 17.22
C VAL A 105 7.65 -1.89 17.88
N ASP A 106 6.54 -1.28 17.47
CA ASP A 106 5.21 -1.61 18.02
C ASP A 106 4.77 -3.03 17.72
N ALA A 107 3.87 -3.55 18.54
CA ALA A 107 3.44 -4.94 18.44
C ALA A 107 2.70 -5.25 17.15
N GLU A 108 2.00 -4.24 16.61
CA GLU A 108 1.30 -4.39 15.33
C GLU A 108 2.23 -4.82 14.19
N ILE A 109 3.51 -4.47 14.31
CA ILE A 109 4.49 -4.77 13.29
C ILE A 109 5.34 -6.01 13.60
N THR A 110 5.80 -6.12 14.84
CA THR A 110 6.70 -7.21 15.23
C THR A 110 5.96 -8.51 15.40
N THR A 111 4.68 -8.41 15.73
CA THR A 111 4.00 -9.55 16.32
C THR A 111 2.75 -10.00 15.60
N THR A 112 1.87 -9.05 15.28
CA THR A 112 0.59 -9.35 14.68
C THR A 112 0.73 -9.51 13.18
N ALA A 113 0.14 -10.55 12.62
CA ALA A 113 0.04 -10.66 11.18
C ALA A 113 -1.40 -10.29 10.82
N GLY A 114 -1.57 -9.45 9.80
CA GLY A 114 -2.90 -9.08 9.35
C GLY A 114 -2.88 -8.13 8.17
N PRO A 115 -4.06 -7.76 7.66
CA PRO A 115 -4.19 -6.89 6.49
C PRO A 115 -3.52 -5.52 6.65
N GLN A 116 -3.06 -4.97 5.53
CA GLN A 116 -2.47 -3.62 5.51
C GLN A 116 -3.09 -2.78 4.41
N LEU A 117 -3.71 -1.67 4.81
CA LEU A 117 -4.39 -0.79 3.92
C LEU A 117 -3.41 0.27 3.41
N VAL A 118 -3.55 0.68 2.14
CA VAL A 118 -2.77 1.82 1.63
C VAL A 118 -3.75 2.84 1.10
N VAL A 119 -3.56 4.11 1.45
CA VAL A 119 -4.58 5.11 1.14
C VAL A 119 -3.94 6.46 0.74
N PRO A 120 -4.54 7.17 -0.24
CA PRO A 120 -4.03 8.49 -0.63
C PRO A 120 -4.17 9.52 0.47
N VAL A 121 -3.05 10.04 0.94
CA VAL A 121 -3.07 10.95 2.07
C VAL A 121 -3.79 12.27 1.72
N LEU A 122 -3.88 12.60 0.43
CA LEU A 122 -4.55 13.84 0.03
C LEU A 122 -6.08 13.76 0.09
N ASN A 123 -6.60 12.56 0.35
CA ASN A 123 -8.03 12.39 0.50
C ASN A 123 -8.37 12.17 1.98
N ALA A 124 -8.80 13.23 2.65
CA ALA A 124 -9.04 13.18 4.08
C ALA A 124 -10.08 12.15 4.51
N ARG A 125 -11.16 12.02 3.74
CA ARG A 125 -12.22 11.10 4.14
C ARG A 125 -11.74 9.67 4.05
N PHE A 126 -11.05 9.34 2.96
CA PHE A 126 -10.49 8.02 2.76
C PHE A 126 -9.44 7.76 3.83
N ALA A 127 -8.61 8.75 4.13
CA ALA A 127 -7.57 8.58 5.14
C ALA A 127 -8.19 8.31 6.50
N LEU A 128 -9.25 9.05 6.83
CA LEU A 128 -9.98 8.84 8.06
C LEU A 128 -10.61 7.43 8.13
N ASN A 129 -11.24 7.01 7.05
CA ASN A 129 -11.89 5.69 7.02
C ASN A 129 -10.87 4.58 7.17
N ALA A 130 -9.71 4.78 6.55
CA ALA A 130 -8.63 3.81 6.62
C ALA A 130 -8.10 3.69 8.05
N ALA A 131 -7.89 4.82 8.71
CA ALA A 131 -7.37 4.79 10.08
C ALA A 131 -8.39 4.11 11.01
N ASN A 132 -9.66 4.33 10.73
CA ASN A 132 -10.73 3.71 11.52
C ASN A 132 -10.96 2.24 11.19
N ALA A 133 -10.33 1.77 10.11
CA ALA A 133 -10.56 0.41 9.61
C ALA A 133 -9.85 -0.68 10.43
N ARG A 134 -9.25 -0.32 11.56
CA ARG A 134 -8.62 -1.30 12.45
C ARG A 134 -9.67 -2.29 12.92
N TRP A 135 -10.91 -1.82 13.02
CA TRP A 135 -12.06 -2.66 13.35
C TRP A 135 -13.11 -2.51 12.25
N GLY A 136 -13.66 -3.62 11.78
CA GLY A 136 -14.69 -3.57 10.75
C GLY A 136 -15.80 -4.60 10.90
N SER A 137 -16.98 -4.26 10.36
CA SER A 137 -18.13 -5.15 10.44
C SER A 137 -18.05 -6.28 9.42
N LEU A 138 -17.99 -7.52 9.89
CA LEU A 138 -18.03 -8.67 9.00
C LEU A 138 -19.39 -8.80 8.32
N TYR A 139 -20.45 -8.47 9.04
CA TYR A 139 -21.79 -8.55 8.46
C TYR A 139 -21.95 -7.58 7.30
N ASP A 140 -21.47 -6.35 7.48
CA ASP A 140 -21.58 -5.37 6.41
C ASP A 140 -20.71 -5.80 5.22
N ALA A 141 -19.54 -6.36 5.50
CA ALA A 141 -18.64 -6.81 4.44
C ALA A 141 -19.21 -8.01 3.66
N LEU A 142 -19.81 -8.95 4.37
CA LEU A 142 -20.47 -10.09 3.72
C LEU A 142 -21.74 -9.68 2.97
N TYR A 143 -22.63 -8.93 3.62
CA TYR A 143 -23.87 -8.49 3.00
C TYR A 143 -23.65 -7.59 1.78
N GLY A 144 -22.68 -6.69 1.86
CA GLY A 144 -22.50 -5.67 0.85
C GLY A 144 -21.69 -6.09 -0.37
N THR A 145 -21.04 -7.25 -0.31
CA THR A 145 -20.23 -7.70 -1.44
C THR A 145 -20.71 -9.06 -1.96
N ASP A 146 -20.05 -9.53 -3.01
CA ASP A 146 -20.42 -10.77 -3.65
C ASP A 146 -19.86 -12.01 -2.97
N VAL A 147 -19.30 -11.86 -1.76
CA VAL A 147 -18.81 -13.03 -1.03
C VAL A 147 -20.02 -13.91 -0.76
N ILE A 148 -21.15 -13.27 -0.50
CA ILE A 148 -22.45 -13.92 -0.54
C ILE A 148 -23.04 -13.67 -1.92
N PRO A 149 -23.09 -14.70 -2.77
CA PRO A 149 -23.59 -14.54 -4.15
C PRO A 149 -25.00 -13.94 -4.17
N GLU A 150 -25.25 -13.05 -5.12
CA GLU A 150 -26.61 -12.57 -5.32
C GLU A 150 -27.42 -13.54 -6.17
N THR A 151 -27.53 -14.77 -5.69
CA THR A 151 -28.38 -15.77 -6.34
C THR A 151 -29.84 -15.40 -6.13
N ASP A 152 -30.71 -16.10 -6.83
CA ASP A 152 -32.17 -15.92 -6.71
C ASP A 152 -32.62 -15.84 -5.27
N GLY A 153 -33.28 -14.74 -4.93
CA GLY A 153 -33.82 -14.57 -3.59
C GLY A 153 -32.84 -13.97 -2.60
N ALA A 154 -31.55 -14.04 -2.92
CA ALA A 154 -30.52 -13.58 -1.99
C ALA A 154 -29.81 -12.33 -2.49
N GLU A 155 -30.45 -11.56 -3.37
CA GLU A 155 -29.81 -10.37 -3.88
C GLU A 155 -30.13 -9.17 -3.00
N LYS A 156 -29.25 -8.18 -3.00
CA LYS A 156 -29.50 -6.98 -2.22
C LYS A 156 -30.29 -5.94 -3.00
N GLY A 157 -31.44 -5.55 -2.45
CA GLY A 157 -32.28 -4.53 -3.04
C GLY A 157 -32.17 -3.22 -2.29
N PRO A 158 -33.19 -2.36 -2.39
CA PRO A 158 -33.18 -1.06 -1.69
C PRO A 158 -33.29 -1.25 -0.18
N THR A 159 -33.91 -2.34 0.24
CA THR A 159 -34.10 -2.59 1.67
C THR A 159 -33.59 -3.97 2.10
N TYR A 160 -33.55 -4.21 3.40
CA TYR A 160 -32.98 -5.44 3.98
C TYR A 160 -33.63 -6.72 3.44
N ASN A 161 -32.81 -7.61 2.87
CA ASN A 161 -33.23 -8.93 2.45
C ASN A 161 -32.81 -9.93 3.53
N LYS A 162 -33.79 -10.48 4.24
CA LYS A 162 -33.53 -11.38 5.37
C LYS A 162 -32.92 -12.70 4.94
N VAL A 163 -33.29 -13.16 3.74
CA VAL A 163 -32.72 -14.40 3.22
C VAL A 163 -31.21 -14.20 3.06
N ARG A 164 -30.82 -13.07 2.48
CA ARG A 164 -29.40 -12.74 2.30
C ARG A 164 -28.69 -12.60 3.65
N GLY A 165 -29.32 -11.88 4.58
CA GLY A 165 -28.78 -11.71 5.91
C GLY A 165 -28.58 -13.02 6.64
N ASP A 166 -29.54 -13.94 6.49
CA ASP A 166 -29.44 -15.27 7.06
C ASP A 166 -28.23 -16.06 6.52
N LYS A 167 -27.93 -15.88 5.24
CA LYS A 167 -26.70 -16.43 4.67
C LYS A 167 -25.45 -15.78 5.28
N VAL A 168 -25.52 -14.45 5.47
CA VAL A 168 -24.44 -13.70 6.12
C VAL A 168 -24.15 -14.27 7.51
N ILE A 169 -25.21 -14.42 8.29
CA ILE A 169 -25.12 -14.96 9.64
C ILE A 169 -24.48 -16.35 9.69
N ALA A 170 -24.90 -17.21 8.76
CA ALA A 170 -24.42 -18.58 8.71
C ALA A 170 -22.94 -18.63 8.33
N TYR A 171 -22.56 -17.79 7.37
CA TYR A 171 -21.18 -17.66 6.97
C TYR A 171 -20.31 -17.35 8.19
N ALA A 172 -20.76 -16.37 8.98
CA ALA A 172 -20.02 -15.93 10.15
C ALA A 172 -19.98 -16.99 11.25
N ARG A 173 -21.09 -17.68 11.47
CA ARG A 173 -21.12 -18.80 12.41
C ARG A 173 -20.07 -19.84 12.08
N LYS A 174 -20.02 -20.23 10.81
CA LYS A 174 -19.00 -21.14 10.29
C LYS A 174 -17.58 -20.61 10.54
N PHE A 175 -17.39 -19.30 10.36
CA PHE A 175 -16.12 -18.65 10.63
C PHE A 175 -15.70 -18.79 12.09
N LEU A 176 -16.64 -18.54 13.00
CA LEU A 176 -16.39 -18.70 14.43
C LEU A 176 -16.08 -20.15 14.82
N ASP A 177 -16.76 -21.09 14.20
CA ASP A 177 -16.51 -22.51 14.45
C ASP A 177 -15.08 -22.86 14.06
N ASP A 178 -14.66 -22.33 12.91
CA ASP A 178 -13.34 -22.60 12.38
C ASP A 178 -12.26 -21.95 13.24
N SER A 179 -12.53 -20.72 13.69
CA SER A 179 -11.48 -19.91 14.32
C SER A 179 -11.41 -20.04 15.83
N VAL A 180 -12.56 -20.14 16.48
CA VAL A 180 -12.62 -20.23 17.93
C VAL A 180 -13.53 -21.40 18.34
N PRO A 181 -13.13 -22.63 18.02
CA PRO A 181 -14.00 -23.81 18.18
C PRO A 181 -14.49 -24.02 19.63
N LEU A 182 -15.77 -24.36 19.77
CA LEU A 182 -16.35 -24.74 21.06
C LEU A 182 -15.87 -26.13 21.49
N SER A 183 -16.01 -26.45 22.77
CA SER A 183 -15.69 -27.81 23.24
C SER A 183 -16.61 -28.85 22.60
N SER A 184 -17.90 -28.53 22.53
CA SER A 184 -18.80 -29.34 21.74
C SER A 184 -19.82 -28.44 21.05
N GLY A 185 -20.39 -28.95 19.96
CA GLY A 185 -21.41 -28.22 19.23
C GLY A 185 -20.88 -27.06 18.41
N SER A 186 -21.79 -26.35 17.77
CA SER A 186 -21.47 -25.28 16.85
C SER A 186 -22.02 -23.96 17.34
N PHE A 187 -21.40 -22.87 16.90
CA PHE A 187 -21.89 -21.53 17.20
C PHE A 187 -23.24 -21.33 16.54
N GLY A 188 -23.49 -22.11 15.49
CA GLY A 188 -24.75 -22.02 14.76
C GLY A 188 -25.94 -22.46 15.59
N ASP A 189 -25.68 -23.10 16.74
CA ASP A 189 -26.73 -23.54 17.66
C ASP A 189 -26.74 -22.72 18.94
N ALA A 190 -26.01 -21.60 18.94
CA ALA A 190 -25.88 -20.77 20.13
C ALA A 190 -27.21 -20.24 20.65
N THR A 191 -27.35 -20.17 21.96
CA THR A 191 -28.56 -19.69 22.61
C THR A 191 -28.25 -18.42 23.37
N GLY A 192 -27.03 -18.30 23.86
CA GLY A 192 -26.63 -17.14 24.63
C GLY A 192 -25.19 -17.20 25.10
N PHE A 193 -24.78 -16.14 25.79
CA PHE A 193 -23.40 -16.01 26.24
C PHE A 193 -23.36 -15.48 27.67
N THR A 194 -22.50 -16.07 28.51
CA THR A 194 -22.27 -15.58 29.85
C THR A 194 -20.80 -15.79 30.21
N VAL A 195 -20.32 -15.02 31.18
CA VAL A 195 -18.96 -15.20 31.67
C VAL A 195 -18.95 -15.69 33.12
N GLN A 196 -18.68 -16.98 33.29
CA GLN A 196 -18.67 -17.61 34.60
C GLN A 196 -17.26 -18.08 34.96
N ASP A 197 -16.80 -17.68 36.15
CA ASP A 197 -15.46 -18.00 36.62
C ASP A 197 -14.39 -17.48 35.66
N GLY A 198 -14.62 -16.31 35.08
CA GLY A 198 -13.67 -15.74 34.12
C GLY A 198 -13.52 -16.57 32.85
N GLN A 199 -14.47 -17.45 32.62
CA GLN A 199 -14.49 -18.25 31.40
C GLN A 199 -15.76 -17.95 30.61
N LEU A 200 -15.68 -18.07 29.29
CA LEU A 200 -16.84 -17.86 28.46
C LEU A 200 -17.68 -19.12 28.41
N VAL A 201 -18.97 -18.97 28.65
CA VAL A 201 -19.87 -20.11 28.55
C VAL A 201 -20.94 -19.82 27.51
N VAL A 202 -21.05 -20.72 26.54
CA VAL A 202 -22.02 -20.59 25.46
C VAL A 202 -23.20 -21.53 25.69
N ALA A 203 -24.38 -20.95 25.89
CA ALA A 203 -25.59 -21.75 26.04
C ALA A 203 -25.94 -22.46 24.74
N LEU A 204 -26.12 -23.78 24.84
CA LEU A 204 -26.57 -24.57 23.70
C LEU A 204 -27.98 -25.05 24.02
N PRO A 205 -28.67 -25.71 23.05
CA PRO A 205 -30.01 -26.18 23.42
C PRO A 205 -29.99 -27.26 24.50
N ASP A 206 -29.29 -28.36 24.25
CA ASP A 206 -29.31 -29.51 25.14
C ASP A 206 -28.29 -29.44 26.26
N LYS A 207 -27.38 -28.48 26.17
CA LYS A 207 -26.31 -28.36 27.16
C LYS A 207 -25.65 -26.99 27.16
N SER A 208 -24.47 -26.93 27.78
CA SER A 208 -23.66 -25.72 27.77
C SER A 208 -22.23 -26.09 27.45
N THR A 209 -21.45 -25.11 27.03
CA THR A 209 -20.09 -25.38 26.60
C THR A 209 -19.17 -24.17 26.71
N GLY A 210 -17.90 -24.44 26.96
CA GLY A 210 -16.88 -23.42 26.91
C GLY A 210 -16.13 -23.58 25.60
N LEU A 211 -15.05 -22.83 25.44
CA LEU A 211 -14.25 -22.91 24.23
C LEU A 211 -13.34 -24.13 24.34
N ALA A 212 -12.96 -24.72 23.21
CA ALA A 212 -11.97 -25.79 23.23
C ALA A 212 -10.67 -25.25 23.81
N ASN A 213 -10.37 -23.99 23.53
CA ASN A 213 -9.23 -23.31 24.11
C ASN A 213 -9.68 -22.02 24.77
N PRO A 214 -10.00 -22.09 26.08
CA PRO A 214 -10.50 -20.96 26.87
C PRO A 214 -9.57 -19.75 26.82
N GLY A 215 -8.31 -19.96 26.46
CA GLY A 215 -7.39 -18.84 26.27
C GLY A 215 -7.79 -17.96 25.09
N GLN A 216 -8.64 -18.45 24.21
CA GLN A 216 -9.11 -17.63 23.11
C GLN A 216 -10.14 -16.61 23.55
N PHE A 217 -10.60 -16.72 24.80
CA PHE A 217 -11.51 -15.75 25.37
C PHE A 217 -10.70 -14.57 25.86
N ALA A 218 -11.02 -13.38 25.37
CA ALA A 218 -10.13 -12.26 25.58
C ALA A 218 -10.75 -11.14 26.41
N GLY A 219 -12.07 -11.11 26.51
CA GLY A 219 -12.74 -10.05 27.25
C GLY A 219 -14.20 -9.87 26.91
N TYR A 220 -14.82 -8.84 27.46
CA TYR A 220 -16.24 -8.60 27.21
C TYR A 220 -16.68 -7.18 27.59
N THR A 221 -17.90 -6.83 27.21
CA THR A 221 -18.49 -5.57 27.62
C THR A 221 -19.80 -5.87 28.35
N GLY A 222 -20.29 -4.92 29.13
CA GLY A 222 -21.48 -5.16 29.93
C GLY A 222 -21.19 -6.16 31.05
N ALA A 223 -22.24 -6.66 31.69
CA ALA A 223 -22.08 -7.54 32.84
C ALA A 223 -21.82 -8.98 32.40
N ALA A 224 -21.04 -9.71 33.20
CA ALA A 224 -20.70 -11.08 32.89
C ALA A 224 -21.94 -11.96 32.77
N GLU A 225 -22.99 -11.54 33.46
CA GLU A 225 -24.29 -12.19 33.44
C GLU A 225 -24.95 -12.15 32.07
N SER A 226 -24.98 -10.97 31.47
CA SER A 226 -25.57 -10.77 30.16
C SER A 226 -24.72 -9.78 29.38
N PRO A 227 -23.59 -10.25 28.83
CA PRO A 227 -22.62 -9.40 28.12
C PRO A 227 -23.18 -8.77 26.85
N THR A 228 -22.88 -7.50 26.65
CA THR A 228 -23.29 -6.80 25.45
C THR A 228 -22.38 -7.19 24.29
N SER A 229 -21.18 -7.65 24.62
CA SER A 229 -20.32 -8.25 23.60
C SER A 229 -19.31 -9.22 24.20
N VAL A 230 -18.76 -10.06 23.33
CA VAL A 230 -17.81 -11.07 23.72
C VAL A 230 -16.58 -10.96 22.82
N LEU A 231 -15.43 -10.66 23.43
CA LEU A 231 -14.18 -10.46 22.73
C LEU A 231 -13.36 -11.73 22.74
N LEU A 232 -13.06 -12.25 21.55
CA LEU A 232 -12.23 -13.43 21.38
C LEU A 232 -10.92 -13.06 20.67
N ILE A 233 -9.94 -13.94 20.75
CA ILE A 233 -8.69 -13.78 20.02
C ILE A 233 -8.26 -15.06 19.33
N ASN A 234 -7.70 -14.90 18.13
CA ASN A 234 -7.16 -16.00 17.37
C ASN A 234 -6.02 -15.50 16.47
N HIS A 235 -4.90 -16.22 16.49
CA HIS A 235 -3.69 -15.84 15.75
C HIS A 235 -3.29 -14.37 15.96
N GLY A 236 -3.47 -13.87 17.17
CA GLY A 236 -3.13 -12.49 17.47
C GLY A 236 -4.19 -11.44 17.11
N LEU A 237 -5.27 -11.86 16.45
CA LEU A 237 -6.30 -10.92 15.99
C LEU A 237 -7.60 -11.07 16.79
N HIS A 238 -8.21 -9.93 17.14
CA HIS A 238 -9.45 -9.95 17.90
C HIS A 238 -10.70 -10.10 17.04
N ILE A 239 -11.71 -10.71 17.66
CA ILE A 239 -13.00 -10.91 17.06
C ILE A 239 -13.99 -10.55 18.15
N GLU A 240 -14.94 -9.68 17.84
CA GLU A 240 -15.91 -9.26 18.85
C GLU A 240 -17.32 -9.62 18.40
N ILE A 241 -17.98 -10.47 19.18
CA ILE A 241 -19.37 -10.80 18.90
C ILE A 241 -20.26 -9.79 19.59
N LEU A 242 -20.97 -8.98 18.81
CA LEU A 242 -21.88 -7.99 19.36
C LEU A 242 -23.25 -8.59 19.66
N ILE A 243 -23.73 -8.37 20.87
CA ILE A 243 -24.96 -8.98 21.35
C ILE A 243 -26.05 -7.95 21.65
N ASP A 244 -27.10 -7.96 20.83
CA ASP A 244 -28.21 -7.02 20.96
C ASP A 244 -29.43 -7.57 20.24
N PRO A 245 -30.28 -8.32 20.96
CA PRO A 245 -31.45 -8.96 20.36
C PRO A 245 -32.57 -7.99 19.97
N GLU A 246 -32.33 -6.70 20.21
CA GLU A 246 -33.28 -5.65 19.82
C GLU A 246 -32.90 -4.95 18.51
N SER A 247 -31.77 -5.34 17.92
CA SER A 247 -31.35 -4.74 16.66
C SER A 247 -32.06 -5.41 15.49
N GLN A 248 -31.97 -4.77 14.31
CA GLN A 248 -32.62 -5.27 13.09
C GLN A 248 -32.32 -6.75 12.82
N VAL A 249 -31.06 -7.15 13.01
CA VAL A 249 -30.68 -8.54 12.75
C VAL A 249 -30.60 -9.36 14.04
N GLY A 250 -30.45 -8.69 15.18
CA GLY A 250 -30.43 -9.35 16.46
C GLY A 250 -31.73 -10.08 16.75
N THR A 251 -32.85 -9.45 16.38
CA THR A 251 -34.17 -10.06 16.54
C THR A 251 -34.30 -11.37 15.77
N THR A 252 -33.60 -11.45 14.64
CA THR A 252 -33.69 -12.64 13.80
C THR A 252 -32.74 -13.76 14.28
N ASP A 253 -31.77 -13.41 15.13
CA ASP A 253 -30.70 -14.33 15.50
C ASP A 253 -30.99 -15.18 16.75
N ARG A 254 -30.62 -16.44 16.70
CA ARG A 254 -30.92 -17.39 17.78
C ARG A 254 -30.23 -17.07 19.10
N ALA A 255 -29.12 -16.34 19.05
CA ALA A 255 -28.46 -15.89 20.27
C ALA A 255 -28.48 -14.37 20.38
N GLY A 256 -29.28 -13.73 19.53
CA GLY A 256 -29.42 -12.29 19.53
C GLY A 256 -28.18 -11.56 19.05
N VAL A 257 -27.35 -12.25 18.28
CA VAL A 257 -26.14 -11.63 17.73
C VAL A 257 -26.47 -10.57 16.69
N LYS A 258 -25.91 -9.38 16.92
CA LYS A 258 -26.12 -8.22 16.07
C LYS A 258 -25.08 -8.14 14.95
N ASP A 259 -23.85 -8.54 15.25
CA ASP A 259 -22.76 -8.39 14.29
C ASP A 259 -21.54 -9.12 14.81
N VAL A 260 -20.65 -9.42 13.88
CA VAL A 260 -19.32 -9.90 14.22
C VAL A 260 -18.31 -8.90 13.70
N ILE A 261 -17.55 -8.32 14.61
CA ILE A 261 -16.56 -7.31 14.28
C ILE A 261 -15.16 -7.90 14.31
N LEU A 262 -14.41 -7.73 13.23
CA LEU A 262 -13.05 -8.23 13.14
C LEU A 262 -12.04 -7.12 13.25
N GLU A 263 -10.99 -7.36 14.03
CA GLU A 263 -9.80 -6.54 13.91
C GLU A 263 -9.26 -6.74 12.49
N SER A 264 -9.18 -5.67 11.72
CA SER A 264 -8.99 -5.77 10.26
C SER A 264 -7.72 -5.06 9.78
N ALA A 265 -7.79 -3.76 9.50
CA ALA A 265 -6.59 -3.05 9.07
C ALA A 265 -5.69 -2.74 10.27
N ILE A 266 -4.82 -3.69 10.62
CA ILE A 266 -3.92 -3.53 11.76
C ILE A 266 -2.99 -2.32 11.58
N THR A 267 -2.51 -2.17 10.36
CA THR A 267 -1.71 -1.01 9.98
C THR A 267 -2.24 -0.44 8.67
N THR A 268 -1.88 0.82 8.45
CA THR A 268 -2.30 1.56 7.28
C THR A 268 -1.10 2.36 6.83
N ILE A 269 -0.91 2.41 5.52
CA ILE A 269 0.09 3.28 4.95
C ILE A 269 -0.59 4.54 4.40
N MET A 270 -0.26 5.69 4.99
CA MET A 270 -0.74 6.96 4.48
C MET A 270 0.22 7.41 3.37
N ASP A 271 -0.30 7.50 2.15
CA ASP A 271 0.55 7.55 0.97
C ASP A 271 0.72 8.95 0.36
N PHE A 272 1.98 9.38 0.21
CA PHE A 272 2.34 10.58 -0.54
C PHE A 272 2.85 10.27 -1.94
N GLU A 273 2.98 8.98 -2.26
CA GLU A 273 3.63 8.61 -3.50
C GLU A 273 2.61 8.25 -4.58
N ASP A 274 2.60 7.00 -5.02
CA ASP A 274 1.87 6.64 -6.25
C ASP A 274 0.33 6.73 -6.24
N SER A 275 -0.32 6.83 -5.07
CA SER A 275 -1.77 6.99 -5.09
C SER A 275 -2.26 8.47 -5.01
N VAL A 276 -1.34 9.42 -4.99
CA VAL A 276 -1.75 10.83 -4.96
C VAL A 276 -1.18 11.62 -6.12
N ALA A 277 -1.86 12.71 -6.46
CA ALA A 277 -1.40 13.63 -7.49
C ALA A 277 -1.02 14.95 -6.82
N ALA A 278 0.27 15.16 -6.65
CA ALA A 278 0.77 16.31 -5.92
C ALA A 278 1.99 16.89 -6.64
N VAL A 279 1.79 18.00 -7.35
CA VAL A 279 2.78 18.44 -8.32
C VAL A 279 3.36 19.80 -7.99
N ASP A 280 2.92 20.38 -6.88
CA ASP A 280 3.43 21.66 -6.41
C ASP A 280 3.25 21.81 -4.90
N ALA A 281 3.56 22.99 -4.41
CA ALA A 281 3.53 23.25 -2.97
C ALA A 281 2.14 23.21 -2.39
N ALA A 282 1.15 23.70 -3.12
CA ALA A 282 -0.22 23.68 -2.62
C ALA A 282 -0.72 22.23 -2.47
N ASP A 283 -0.32 21.35 -3.40
CA ASP A 283 -0.73 19.94 -3.30
C ASP A 283 -0.02 19.26 -2.12
N LYS A 284 1.27 19.50 -1.98
CA LYS A 284 2.06 18.90 -0.91
C LYS A 284 1.53 19.34 0.44
N VAL A 285 1.12 20.60 0.56
CA VAL A 285 0.57 21.11 1.80
C VAL A 285 -0.77 20.45 2.15
N LEU A 286 -1.62 20.19 1.16
CA LEU A 286 -2.85 19.44 1.44
C LEU A 286 -2.50 18.08 2.05
N GLY A 287 -1.53 17.39 1.46
CA GLY A 287 -1.09 16.11 2.00
C GLY A 287 -0.50 16.23 3.41
N TYR A 288 0.47 17.13 3.58
CA TYR A 288 1.11 17.32 4.89
C TYR A 288 0.09 17.70 5.97
N ARG A 289 -0.91 18.48 5.61
CA ARG A 289 -1.90 18.91 6.58
C ARG A 289 -2.78 17.76 7.04
N ASN A 290 -3.15 16.88 6.11
CA ASN A 290 -3.90 15.67 6.47
C ASN A 290 -3.08 14.70 7.30
N TRP A 291 -1.82 14.51 6.89
CA TRP A 291 -0.87 13.75 7.71
C TRP A 291 -0.74 14.35 9.12
N LEU A 292 -0.70 15.69 9.19
CA LEU A 292 -0.71 16.38 10.49
C LEU A 292 -1.95 16.10 11.32
N GLY A 293 -3.13 16.26 10.70
CA GLY A 293 -4.38 15.97 11.36
C GLY A 293 -4.46 14.54 11.86
N LEU A 294 -3.91 13.59 11.10
CA LEU A 294 -3.91 12.19 11.53
C LEU A 294 -3.03 11.98 12.77
N ASN A 295 -1.87 12.62 12.79
CA ASN A 295 -0.95 12.49 13.92
C ASN A 295 -1.38 13.26 15.17
N LYS A 296 -2.03 14.41 14.97
CA LYS A 296 -2.61 15.12 16.09
C LYS A 296 -3.84 14.38 16.57
N GLY A 297 -4.56 13.77 15.63
CA GLY A 297 -5.77 13.05 15.98
C GLY A 297 -7.01 13.92 15.90
N ASP A 298 -6.88 15.07 15.24
CA ASP A 298 -8.01 15.98 15.11
C ASP A 298 -8.46 16.15 13.67
N LEU A 299 -7.96 15.31 12.76
CA LEU A 299 -8.39 15.35 11.36
C LEU A 299 -9.88 15.07 11.31
N ALA A 300 -10.62 15.95 10.62
CA ALA A 300 -12.06 15.78 10.51
C ALA A 300 -12.54 16.17 9.13
N ALA A 301 -13.42 15.36 8.54
CA ALA A 301 -13.89 15.65 7.19
C ALA A 301 -15.41 15.80 7.04
N ALA A 302 -15.81 16.45 5.95
CA ALA A 302 -17.21 16.68 5.58
C ALA A 302 -18.05 17.26 6.72
N ARG A 312 -16.64 10.91 10.20
CA ARG A 312 -16.10 12.24 9.98
C ARG A 312 -14.91 12.53 10.87
N VAL A 313 -14.78 11.80 11.97
CA VAL A 313 -13.62 11.92 12.86
C VAL A 313 -12.96 10.56 13.15
N LEU A 314 -11.78 10.59 13.75
CA LEU A 314 -11.06 9.38 14.15
C LEU A 314 -11.78 8.72 15.31
N ASN A 315 -11.73 7.40 15.34
CA ASN A 315 -12.38 6.65 16.42
C ASN A 315 -11.57 6.68 17.70
N ARG A 316 -12.26 6.58 18.84
CA ARG A 316 -11.61 6.42 20.13
C ARG A 316 -11.18 4.97 20.34
N ASP A 317 -10.40 4.73 21.38
CA ASP A 317 -9.99 3.38 21.69
C ASP A 317 -11.15 2.58 22.26
N ARG A 318 -11.00 1.27 22.36
CA ARG A 318 -12.12 0.40 22.70
C ARG A 318 -11.97 -0.20 24.10
N ASN A 319 -13.01 -0.05 24.93
CA ASN A 319 -12.98 -0.47 26.34
C ASN A 319 -13.58 -1.84 26.60
N TYR A 320 -12.85 -2.71 27.30
CA TYR A 320 -13.34 -4.04 27.62
C TYR A 320 -13.08 -4.43 29.08
N THR A 321 -13.68 -5.53 29.50
CA THR A 321 -13.35 -6.14 30.78
C THR A 321 -12.61 -7.45 30.53
N ALA A 322 -11.45 -7.61 31.14
CA ALA A 322 -10.67 -8.83 30.97
C ALA A 322 -11.41 -10.00 31.61
N PRO A 323 -11.18 -11.22 31.09
CA PRO A 323 -11.85 -12.41 31.63
C PRO A 323 -11.76 -12.49 33.15
N GLY A 324 -10.59 -12.21 33.71
CA GLY A 324 -10.39 -12.23 35.14
C GLY A 324 -10.73 -10.92 35.85
N GLY A 325 -11.48 -10.06 35.18
CA GLY A 325 -11.87 -8.78 35.76
C GLY A 325 -10.79 -7.72 35.58
N GLY A 326 -11.19 -6.47 35.73
CA GLY A 326 -10.28 -5.36 35.49
C GLY A 326 -10.42 -4.86 34.07
N GLN A 327 -10.21 -3.57 33.88
CA GLN A 327 -10.40 -2.98 32.57
C GLN A 327 -9.12 -2.96 31.75
N PHE A 328 -9.27 -3.08 30.44
CA PHE A 328 -8.17 -2.82 29.53
C PHE A 328 -8.71 -2.16 28.27
N THR A 329 -7.80 -1.56 27.52
CA THR A 329 -8.16 -0.77 26.38
C THR A 329 -7.42 -1.27 25.15
N LEU A 330 -8.11 -1.32 24.01
CA LEU A 330 -7.50 -1.71 22.75
C LEU A 330 -7.53 -0.52 21.79
N PRO A 331 -6.49 -0.37 20.97
CA PRO A 331 -6.44 0.74 20.02
C PRO A 331 -7.63 0.70 19.07
N GLY A 332 -8.24 1.85 18.83
CA GLY A 332 -9.38 1.89 17.94
C GLY A 332 -8.95 2.21 16.52
N ARG A 333 -7.65 2.45 16.34
CA ARG A 333 -7.16 2.88 15.04
C ARG A 333 -5.96 2.07 14.56
N SER A 334 -5.81 2.06 13.24
CA SER A 334 -4.65 1.49 12.60
C SER A 334 -3.39 2.22 13.00
N LEU A 335 -2.33 1.48 13.27
CA LEU A 335 -1.00 2.03 13.40
C LEU A 335 -0.60 2.58 12.03
N MET A 336 -0.19 3.84 11.96
CA MET A 336 0.09 4.46 10.67
C MET A 336 1.55 4.43 10.25
N PHE A 337 1.77 4.00 9.01
CA PHE A 337 3.03 4.29 8.31
C PHE A 337 2.76 5.52 7.45
N VAL A 338 3.83 6.14 6.98
CA VAL A 338 3.68 7.12 5.91
C VAL A 338 4.58 6.69 4.75
N ARG A 339 4.08 6.72 3.52
CA ARG A 339 4.93 6.41 2.38
C ARG A 339 5.41 7.72 1.74
N ASN A 340 6.72 7.98 1.87
CA ASN A 340 7.38 9.14 1.26
C ASN A 340 7.59 8.86 -0.21
N VAL A 341 7.88 9.89 -1.00
CA VAL A 341 8.29 9.62 -2.38
C VAL A 341 9.74 9.10 -2.37
N GLY A 342 10.13 8.43 -3.45
CA GLY A 342 11.47 7.89 -3.60
C GLY A 342 12.51 8.91 -4.04
N HIS A 343 13.68 8.43 -4.46
CA HIS A 343 14.84 9.29 -4.74
C HIS A 343 14.77 10.13 -6.03
N LEU A 344 13.87 9.80 -6.94
CA LEU A 344 13.93 10.42 -8.28
C LEU A 344 13.46 11.88 -8.37
N MET A 345 12.24 12.16 -7.96
CA MET A 345 11.59 13.40 -8.36
C MET A 345 12.00 14.65 -7.58
N THR A 346 11.93 15.80 -8.26
CA THR A 346 12.05 17.08 -7.59
C THR A 346 10.65 17.72 -7.57
N ASN A 347 10.47 18.73 -6.74
CA ASN A 347 9.21 19.45 -6.65
C ASN A 347 9.51 20.94 -6.45
N ASP A 348 8.75 21.84 -7.05
CA ASP A 348 9.09 23.27 -6.93
C ASP A 348 8.54 23.91 -5.67
N ALA A 349 8.06 23.09 -4.74
CA ALA A 349 7.70 23.56 -3.41
C ALA A 349 8.88 24.29 -2.77
N ILE A 350 10.08 23.86 -3.14
CA ILE A 350 11.31 24.57 -2.79
C ILE A 350 12.22 24.57 -4.00
N VAL A 351 12.75 25.75 -4.33
CA VAL A 351 13.76 25.88 -5.36
C VAL A 351 15.02 26.50 -4.74
N ASP A 352 16.17 26.27 -5.37
CA ASP A 352 17.39 26.91 -4.89
C ASP A 352 17.54 28.28 -5.55
N THR A 353 18.67 28.94 -5.31
CA THR A 353 18.92 30.25 -5.90
C THR A 353 18.81 30.22 -7.42
N ASP A 354 19.35 29.18 -8.05
CA ASP A 354 19.29 29.05 -9.50
C ASP A 354 17.90 28.72 -10.06
N GLY A 355 16.91 28.59 -9.19
CA GLY A 355 15.59 28.17 -9.63
C GLY A 355 15.47 26.66 -9.84
N SER A 356 16.49 25.91 -9.43
CA SER A 356 16.44 24.44 -9.49
C SER A 356 15.56 23.90 -8.39
N GLU A 357 14.63 23.03 -8.76
CA GLU A 357 13.75 22.36 -7.81
C GLU A 357 14.52 21.42 -6.90
N VAL A 358 14.04 21.29 -5.67
CA VAL A 358 14.66 20.47 -4.64
C VAL A 358 14.14 19.03 -4.71
N PHE A 359 14.98 18.07 -4.32
CA PHE A 359 14.60 16.65 -4.25
C PHE A 359 13.45 16.42 -3.28
N GLU A 360 12.36 15.86 -3.82
CA GLU A 360 11.11 15.71 -3.08
C GLU A 360 11.21 14.67 -1.94
N GLY A 361 11.98 13.63 -2.17
CA GLY A 361 12.22 12.61 -1.16
C GLY A 361 12.92 13.21 0.05
N ILE A 362 13.89 14.08 -0.20
CA ILE A 362 14.57 14.76 0.90
C ILE A 362 13.55 15.58 1.69
N MET A 363 12.76 16.37 0.98
CA MET A 363 11.71 17.16 1.61
C MET A 363 10.70 16.32 2.40
N ASP A 364 10.26 15.19 1.84
CA ASP A 364 9.28 14.35 2.55
C ASP A 364 9.84 13.86 3.88
N ALA A 365 11.11 13.46 3.89
CA ALA A 365 11.70 12.95 5.14
C ALA A 365 11.68 14.04 6.22
N LEU A 366 12.10 15.25 5.85
CA LEU A 366 12.08 16.39 6.76
C LEU A 366 10.67 16.72 7.24
N PHE A 367 9.75 16.89 6.30
CA PHE A 367 8.40 17.33 6.67
C PHE A 367 7.50 16.23 7.29
N THR A 368 7.42 15.05 6.69
CA THR A 368 6.60 13.98 7.32
C THR A 368 7.24 13.51 8.63
N GLY A 369 8.56 13.55 8.72
CA GLY A 369 9.24 13.27 9.97
C GLY A 369 8.86 14.27 11.06
N LEU A 370 8.96 15.57 10.76
CA LEU A 370 8.55 16.60 11.71
C LEU A 370 7.12 16.35 12.18
N ILE A 371 6.22 16.21 11.21
CA ILE A 371 4.79 16.09 11.50
C ILE A 371 4.49 14.86 12.36
N ALA A 372 5.25 13.79 12.17
CA ALA A 372 5.04 12.53 12.89
C ALA A 372 5.32 12.63 14.39
N ILE A 373 6.12 13.63 14.80
CA ILE A 373 6.38 13.83 16.23
C ILE A 373 5.07 13.99 17.02
N HIS A 374 4.08 14.62 16.40
CA HIS A 374 2.77 14.79 17.02
C HIS A 374 2.11 13.46 17.34
N GLY A 375 2.37 12.45 16.51
CA GLY A 375 1.78 11.13 16.71
C GLY A 375 2.44 10.36 17.83
N LEU A 376 3.49 10.94 18.40
CA LEU A 376 4.22 10.33 19.52
C LEU A 376 3.82 10.97 20.84
N LYS A 377 2.83 11.87 20.76
CA LYS A 377 2.48 12.76 21.87
C LYS A 377 0.97 12.87 21.98
N ALA A 378 0.49 13.49 23.06
CA ALA A 378 -0.95 13.70 23.26
C ALA A 378 -1.25 14.84 24.23
N SER A 379 -1.66 15.99 23.69
CA SER A 379 -2.04 17.14 24.51
C SER A 379 -3.01 18.02 23.72
N ASP A 380 -3.44 19.12 24.32
CA ASP A 380 -4.30 20.07 23.60
C ASP A 380 -3.59 20.62 22.38
N VAL A 381 -2.28 20.78 22.49
CA VAL A 381 -1.45 21.31 21.39
C VAL A 381 -1.18 20.27 20.30
N ASN A 382 -0.97 19.02 20.69
CA ASN A 382 -0.63 17.96 19.73
C ASN A 382 -1.77 17.00 19.49
N GLY A 383 -2.99 17.43 19.86
CA GLY A 383 -4.17 16.56 19.86
C GLY A 383 -4.03 15.32 20.73
N PRO A 384 -5.14 14.65 21.05
CA PRO A 384 -5.00 13.39 21.78
C PRO A 384 -4.45 12.27 20.86
N LEU A 385 -4.59 11.00 21.27
CA LEU A 385 -4.29 9.86 20.39
C LEU A 385 -2.80 9.69 20.01
N ILE A 386 -2.21 8.56 20.40
CA ILE A 386 -0.80 8.24 20.13
C ILE A 386 -0.67 7.22 18.98
N ASN A 387 0.22 7.45 18.03
CA ASN A 387 0.40 6.47 16.94
C ASN A 387 1.38 5.35 17.28
N SER A 388 2.53 5.71 17.84
CA SER A 388 3.53 4.71 18.22
C SER A 388 3.73 4.74 19.73
N ARG A 389 3.56 3.57 20.34
CA ARG A 389 3.69 3.43 21.78
C ARG A 389 5.17 3.39 22.13
N THR A 390 5.98 2.89 21.21
CA THR A 390 7.39 2.64 21.48
C THR A 390 8.31 3.73 20.96
N GLY A 391 7.75 4.79 20.40
CA GLY A 391 8.53 5.97 20.03
C GLY A 391 9.13 5.96 18.63
N SER A 392 8.56 5.18 17.73
CA SER A 392 9.08 5.10 16.36
C SER A 392 8.24 5.86 15.33
N ILE A 393 8.90 6.28 14.25
CA ILE A 393 8.21 6.84 13.10
C ILE A 393 8.41 5.89 11.92
N TYR A 394 7.33 5.53 11.24
CA TYR A 394 7.36 4.45 10.26
C TYR A 394 7.20 4.95 8.83
N ILE A 395 8.30 4.92 8.09
CA ILE A 395 8.34 5.47 6.75
C ILE A 395 8.60 4.40 5.69
N VAL A 396 7.66 4.24 4.78
CA VAL A 396 7.84 3.34 3.66
C VAL A 396 8.58 4.11 2.58
N LYS A 397 9.72 3.58 2.18
CA LYS A 397 10.56 4.20 1.16
C LYS A 397 10.49 3.38 -0.15
N PRO A 398 9.80 3.91 -1.17
CA PRO A 398 9.57 3.20 -2.42
C PRO A 398 10.67 3.37 -3.47
N LYS A 399 10.67 2.48 -4.45
CA LYS A 399 11.42 2.70 -5.68
C LYS A 399 12.94 2.85 -5.50
N MET A 400 13.48 2.22 -4.47
CA MET A 400 14.92 2.20 -4.33
C MET A 400 15.55 1.11 -5.20
N HIS A 401 16.74 1.41 -5.74
CA HIS A 401 17.48 0.47 -6.58
C HIS A 401 18.80 0.08 -5.94
N GLY A 402 18.83 -1.05 -5.23
CA GLY A 402 20.07 -1.56 -4.65
C GLY A 402 20.49 -0.98 -3.30
N PRO A 403 21.53 -1.59 -2.69
CA PRO A 403 21.88 -1.32 -1.29
C PRO A 403 22.46 0.08 -1.04
N ALA A 404 23.17 0.66 -2.00
CA ALA A 404 23.70 2.01 -1.76
C ALA A 404 22.58 3.06 -1.67
N GLU A 405 21.48 2.84 -2.39
CA GLU A 405 20.32 3.72 -2.30
C GLU A 405 19.56 3.55 -0.97
N VAL A 406 19.66 2.36 -0.38
CA VAL A 406 19.13 2.11 0.97
C VAL A 406 20.01 2.83 2.01
N ALA A 407 21.32 2.70 1.86
CA ALA A 407 22.27 3.38 2.73
C ALA A 407 22.06 4.89 2.69
N PHE A 408 21.78 5.43 1.51
CA PHE A 408 21.51 6.87 1.39
C PHE A 408 20.29 7.25 2.21
N THR A 409 19.22 6.47 2.09
CA THR A 409 18.03 6.70 2.89
C THR A 409 18.33 6.67 4.41
N GLU A 411 21.21 7.53 5.75
CA GLU A 411 21.90 8.77 6.03
C GLU A 411 20.92 9.93 6.06
N LEU A 412 19.95 9.92 5.14
CA LEU A 412 18.93 10.97 5.11
C LEU A 412 18.15 11.05 6.43
N PHE A 413 17.65 9.89 6.88
CA PHE A 413 16.84 9.80 8.09
C PHE A 413 17.65 10.21 9.31
N SER A 414 18.90 9.75 9.38
CA SER A 414 19.83 10.10 10.46
C SER A 414 20.04 11.61 10.58
N ARG A 415 20.25 12.28 9.46
CA ARG A 415 20.42 13.73 9.45
C ARG A 415 19.11 14.47 9.82
N VAL A 416 17.99 13.93 9.34
CA VAL A 416 16.69 14.50 9.70
C VAL A 416 16.43 14.39 11.21
N GLU A 417 16.76 13.23 11.78
CA GLU A 417 16.62 13.01 13.21
C GLU A 417 17.43 14.04 14.00
N ASP A 418 18.66 14.27 13.54
CA ASP A 418 19.55 15.25 14.14
C ASP A 418 18.93 16.64 14.10
N VAL A 419 18.33 17.00 12.95
CA VAL A 419 17.64 18.28 12.81
C VAL A 419 16.41 18.37 13.70
N LEU A 420 15.73 17.25 13.88
CA LEU A 420 14.48 17.25 14.65
C LEU A 420 14.73 17.11 16.16
N GLY A 421 15.95 16.75 16.52
CA GLY A 421 16.28 16.48 17.92
C GLY A 421 15.78 15.11 18.37
N LEU A 422 15.49 14.25 17.41
CA LEU A 422 15.04 12.89 17.73
C LEU A 422 16.21 11.95 17.97
N PRO A 423 16.00 10.93 18.79
CA PRO A 423 16.98 9.85 18.95
C PRO A 423 17.30 9.20 17.61
N GLN A 424 18.54 8.80 17.39
CA GLN A 424 18.89 8.11 16.16
C GLN A 424 18.10 6.80 16.04
N ASN A 425 17.75 6.43 14.81
CA ASN A 425 16.96 5.21 14.51
C ASN A 425 15.50 5.30 14.93
N THR A 426 15.06 6.49 15.29
CA THR A 426 13.64 6.74 15.52
C THR A 426 12.85 6.53 14.22
N MET A 427 13.40 7.02 13.12
CA MET A 427 12.77 6.89 11.81
C MET A 427 13.07 5.52 11.21
N LYS A 428 12.04 4.68 11.16
CA LYS A 428 12.17 3.31 10.70
C LYS A 428 11.83 3.24 9.22
N ILE A 429 12.33 2.23 8.54
CA ILE A 429 12.19 2.16 7.08
C ILE A 429 11.43 0.91 6.64
N GLY A 430 10.39 1.13 5.85
CA GLY A 430 9.72 0.02 5.18
C GLY A 430 10.30 -0.07 3.78
N ILE A 431 11.01 -1.17 3.49
CA ILE A 431 11.69 -1.29 2.21
C ILE A 431 10.81 -1.94 1.17
N MET A 432 10.43 -1.17 0.20
CA MET A 432 9.70 -1.76 -0.85
C MET A 432 10.69 -2.43 -1.85
N ASP A 433 10.47 -3.70 -2.14
CA ASP A 433 11.21 -4.47 -3.13
C ASP A 433 10.38 -4.45 -4.40
N GLU A 434 10.60 -3.42 -5.22
CA GLU A 434 9.77 -3.21 -6.39
C GLU A 434 10.64 -2.74 -7.56
N GLU A 435 11.95 -2.93 -7.42
CA GLU A 435 12.91 -2.64 -8.47
C GLU A 435 13.85 -3.83 -8.58
N ARG A 436 14.21 -4.20 -9.80
CA ARG A 436 15.02 -5.39 -10.08
C ARG A 436 16.37 -5.42 -9.36
N ARG A 437 17.05 -4.28 -9.31
CA ARG A 437 18.37 -4.19 -8.70
C ARG A 437 18.30 -4.31 -7.17
N THR A 438 17.13 -4.02 -6.60
CA THR A 438 16.89 -4.33 -5.20
C THR A 438 16.59 -5.81 -5.02
N THR A 439 15.71 -6.35 -5.84
CA THR A 439 15.39 -7.80 -5.81
C THR A 439 16.64 -8.68 -5.78
N VAL A 440 17.53 -8.51 -6.76
CA VAL A 440 18.66 -9.42 -6.88
C VAL A 440 19.76 -9.18 -5.84
N ASN A 441 19.66 -8.06 -5.11
CA ASN A 441 20.58 -7.69 -4.03
C ASN A 441 19.83 -7.48 -2.71
N LEU A 442 18.69 -8.13 -2.58
CA LEU A 442 17.78 -7.88 -1.45
C LEU A 442 18.40 -8.05 -0.06
N LYS A 443 19.15 -9.12 0.13
CA LYS A 443 19.83 -9.36 1.40
C LYS A 443 20.72 -8.19 1.80
N ALA A 444 21.54 -7.72 0.88
CA ALA A 444 22.37 -6.53 1.09
C ALA A 444 21.55 -5.25 1.33
N CYS A 445 20.37 -5.17 0.71
CA CYS A 445 19.52 -4.00 0.91
C CYS A 445 18.98 -3.96 2.33
N ILE A 446 18.57 -5.11 2.83
CA ILE A 446 18.13 -5.28 4.23
C ILE A 446 19.27 -5.04 5.20
N LYS A 447 20.44 -5.56 4.88
CA LYS A 447 21.62 -5.36 5.73
C LYS A 447 21.99 -3.89 5.81
N ALA A 448 21.86 -3.17 4.70
CA ALA A 448 22.12 -1.74 4.70
C ALA A 448 21.21 -0.97 5.69
N ALA A 449 20.03 -1.51 5.95
CA ALA A 449 19.11 -0.89 6.91
C ALA A 449 18.84 -1.81 8.10
N ALA A 450 19.85 -2.59 8.50
CA ALA A 450 19.65 -3.62 9.52
C ALA A 450 19.14 -3.07 10.87
N ASP A 451 19.44 -1.82 11.19
CA ASP A 451 18.93 -1.29 12.44
C ASP A 451 17.72 -0.35 12.29
N ARG A 452 17.18 -0.22 11.07
CA ARG A 452 15.99 0.62 10.86
C ARG A 452 14.81 -0.11 10.25
N VAL A 453 15.05 -1.26 9.63
CA VAL A 453 14.06 -1.88 8.77
C VAL A 453 12.93 -2.55 9.56
N VAL A 454 11.69 -2.24 9.19
CA VAL A 454 10.54 -2.82 9.86
C VAL A 454 9.64 -3.53 8.87
N PHE A 455 9.98 -3.45 7.58
CA PHE A 455 9.31 -4.27 6.58
C PHE A 455 10.01 -4.36 5.25
N ILE A 456 9.69 -5.44 4.53
CA ILE A 456 9.95 -5.55 3.11
C ILE A 456 8.62 -5.99 2.50
N ASN A 457 8.40 -5.67 1.23
CA ASN A 457 7.21 -6.21 0.56
C ASN A 457 7.40 -6.30 -0.95
N THR A 458 6.49 -7.01 -1.59
CA THR A 458 6.51 -7.17 -3.03
C THR A 458 5.25 -6.61 -3.68
N GLY A 459 5.30 -6.46 -4.99
CA GLY A 459 4.14 -6.01 -5.77
C GLY A 459 4.08 -6.66 -7.14
N PHE A 460 3.16 -6.20 -7.98
CA PHE A 460 3.12 -6.71 -9.34
C PHE A 460 3.51 -5.60 -10.29
N LEU A 461 2.76 -4.50 -10.25
CA LEU A 461 2.86 -3.47 -11.28
C LEU A 461 4.22 -2.78 -11.35
N ASP A 462 4.70 -2.18 -10.25
CA ASP A 462 5.90 -1.36 -10.30
C ASP A 462 7.09 -2.26 -10.63
N ARG A 463 7.16 -3.41 -9.95
CA ARG A 463 8.24 -4.35 -10.20
C ARG A 463 8.26 -4.89 -11.64
N THR A 464 7.09 -5.14 -12.21
CA THR A 464 7.00 -5.61 -13.58
C THR A 464 7.36 -4.46 -14.53
N GLY A 465 6.97 -3.25 -14.15
CA GLY A 465 7.35 -2.06 -14.89
C GLY A 465 8.86 -1.96 -15.00
N ASP A 466 9.57 -2.15 -13.89
CA ASP A 466 11.02 -2.11 -13.93
C ASP A 466 11.59 -3.27 -14.74
N GLU A 467 10.94 -4.43 -14.65
CA GLU A 467 11.38 -5.61 -15.36
C GLU A 467 11.39 -5.36 -16.87
N ILE A 468 10.30 -4.78 -17.36
CA ILE A 468 10.17 -4.43 -18.78
C ILE A 468 11.21 -3.39 -19.20
N HIS A 469 11.31 -2.30 -18.44
CA HIS A 469 12.26 -1.25 -18.81
C HIS A 469 13.71 -1.70 -18.85
N THR A 470 14.10 -2.46 -17.83
CA THR A 470 15.47 -2.94 -17.69
C THR A 470 15.90 -3.76 -18.91
N SER A 471 15.01 -4.63 -19.38
CA SER A 471 15.30 -5.51 -20.51
C SER A 471 14.60 -5.06 -21.79
N MET A 472 14.26 -3.77 -21.85
CA MET A 472 13.59 -3.16 -22.99
C MET A 472 14.22 -3.57 -24.33
N GLU A 473 15.55 -3.56 -24.39
CA GLU A 473 16.27 -3.90 -25.63
C GLU A 473 16.41 -5.40 -25.93
N ALA A 474 15.92 -6.27 -25.04
CA ALA A 474 16.10 -7.72 -25.20
C ALA A 474 15.18 -8.32 -26.27
N GLY A 475 13.96 -7.80 -26.36
CA GLY A 475 12.99 -8.36 -27.26
C GLY A 475 11.60 -8.03 -26.77
N PRO A 476 10.58 -8.47 -27.51
CA PRO A 476 9.19 -8.22 -27.12
C PRO A 476 8.86 -9.02 -25.86
N MET A 477 8.06 -8.46 -24.97
CA MET A 477 7.76 -9.06 -23.68
C MET A 477 6.41 -9.72 -23.77
N VAL A 478 6.18 -10.75 -22.96
CA VAL A 478 4.86 -11.36 -22.84
C VAL A 478 3.81 -10.32 -22.43
N ARG A 479 2.53 -10.68 -22.59
CA ARG A 479 1.43 -9.80 -22.25
CA ARG A 479 1.43 -9.80 -22.25
C ARG A 479 1.40 -9.50 -20.75
N LYS A 480 0.75 -8.40 -20.37
CA LYS A 480 0.67 -7.98 -18.98
C LYS A 480 0.09 -9.06 -18.06
N GLY A 481 -1.05 -9.63 -18.46
CA GLY A 481 -1.66 -10.72 -17.70
C GLY A 481 -0.73 -11.91 -17.50
N THR A 482 0.01 -12.26 -18.54
CA THR A 482 1.01 -13.32 -18.47
C THR A 482 2.11 -13.06 -17.41
N MET A 483 2.47 -11.79 -17.21
CA MET A 483 3.55 -11.43 -16.27
C MET A 483 3.36 -11.97 -14.86
N LYS A 484 2.09 -12.06 -14.45
CA LYS A 484 1.73 -12.43 -13.10
C LYS A 484 2.18 -13.85 -12.74
N SER A 485 2.41 -14.67 -13.75
CA SER A 485 2.75 -16.07 -13.53
C SER A 485 4.13 -16.39 -14.08
N GLN A 486 4.87 -15.37 -14.48
CA GLN A 486 6.21 -15.58 -15.03
C GLN A 486 7.18 -16.10 -13.96
N PRO A 487 8.10 -16.98 -14.38
CA PRO A 487 9.15 -17.50 -13.49
C PRO A 487 9.90 -16.41 -12.70
N TRP A 488 10.26 -15.30 -13.35
CA TRP A 488 11.01 -14.26 -12.64
C TRP A 488 10.24 -13.73 -11.42
N ILE A 489 8.92 -13.60 -11.57
CA ILE A 489 8.10 -12.99 -10.53
C ILE A 489 7.72 -13.95 -9.42
N LEU A 490 7.61 -15.23 -9.74
CA LEU A 490 7.35 -16.21 -8.71
C LEU A 490 8.58 -16.41 -7.83
N ALA A 491 9.77 -16.35 -8.43
CA ALA A 491 11.01 -16.45 -7.67
C ALA A 491 11.19 -15.20 -6.83
N TYR A 492 10.87 -14.05 -7.42
CA TYR A 492 10.92 -12.77 -6.73
C TYR A 492 10.06 -12.79 -5.48
N GLU A 493 8.82 -13.28 -5.60
CA GLU A 493 7.94 -13.46 -4.45
C GLU A 493 8.54 -14.33 -3.33
N ASP A 494 9.07 -15.50 -3.67
CA ASP A 494 9.68 -16.41 -2.69
C ASP A 494 11.01 -15.89 -2.15
N HIS A 495 11.82 -15.32 -3.02
CA HIS A 495 13.11 -14.78 -2.61
C HIS A 495 12.93 -13.68 -1.57
N ASN A 496 11.86 -12.92 -1.71
CA ASN A 496 11.57 -11.83 -0.78
C ASN A 496 11.31 -12.38 0.61
N VAL A 497 10.48 -13.41 0.67
CA VAL A 497 10.19 -14.09 1.92
C VAL A 497 11.43 -14.76 2.51
N ASP A 498 12.16 -15.50 1.68
CA ASP A 498 13.41 -16.14 2.13
C ASP A 498 14.38 -15.14 2.78
N ALA A 499 14.64 -14.02 2.11
CA ALA A 499 15.59 -13.04 2.65
C ALA A 499 15.14 -12.45 3.98
N GLY A 500 13.86 -12.06 4.04
CA GLY A 500 13.30 -11.56 5.27
C GLY A 500 13.42 -12.55 6.43
N LEU A 501 12.98 -13.79 6.21
CA LEU A 501 13.04 -14.79 7.26
C LEU A 501 14.48 -15.06 7.68
N ALA A 502 15.38 -15.16 6.71
CA ALA A 502 16.80 -15.41 6.99
C ALA A 502 17.46 -14.28 7.80
N ALA A 503 16.88 -13.09 7.72
CA ALA A 503 17.39 -11.93 8.45
C ALA A 503 16.66 -11.74 9.77
N GLY A 504 15.80 -12.69 10.10
CA GLY A 504 15.14 -12.72 11.39
C GLY A 504 13.87 -11.88 11.47
N PHE A 505 13.18 -11.69 10.34
CA PHE A 505 11.99 -10.85 10.37
C PHE A 505 10.88 -11.38 11.27
N SER A 506 10.74 -12.71 11.32
CA SER A 506 9.68 -13.33 12.12
C SER A 506 9.78 -12.89 13.58
N GLY A 507 8.72 -12.22 14.05
CA GLY A 507 8.72 -11.68 15.39
C GLY A 507 9.37 -10.31 15.50
N ARG A 508 9.85 -9.77 14.38
CA ARG A 508 10.61 -8.51 14.38
C ARG A 508 10.15 -7.46 13.35
N ALA A 509 9.75 -7.93 12.17
CA ALA A 509 9.46 -7.03 11.06
C ALA A 509 8.50 -7.69 10.06
N GLN A 510 7.73 -6.88 9.34
CA GLN A 510 6.75 -7.40 8.41
C GLN A 510 7.36 -7.91 7.11
N VAL A 511 6.80 -8.99 6.60
CA VAL A 511 7.12 -9.50 5.27
C VAL A 511 5.82 -9.35 4.50
N GLY A 512 5.76 -8.41 3.56
CA GLY A 512 4.50 -8.08 2.93
C GLY A 512 4.36 -8.50 1.49
N LYS A 513 3.12 -8.69 1.06
CA LYS A 513 2.84 -8.96 -0.35
C LYS A 513 1.83 -7.96 -0.91
N GLY A 514 1.53 -8.09 -2.19
CA GLY A 514 0.87 -7.04 -2.96
C GLY A 514 -0.61 -6.76 -2.79
N MET A 515 -1.10 -5.83 -3.61
CA MET A 515 -2.45 -5.33 -3.53
C MET A 515 -3.43 -6.16 -4.35
N TRP A 516 -4.60 -6.41 -3.78
CA TRP A 516 -5.73 -6.90 -4.56
C TRP A 516 -6.44 -5.67 -5.14
N THR A 517 -6.47 -5.57 -6.46
CA THR A 517 -6.96 -4.35 -7.11
C THR A 517 -8.44 -4.41 -7.48
N MET A 518 -8.98 -5.62 -7.58
CA MET A 518 -10.36 -5.78 -8.03
C MET A 518 -11.34 -5.55 -6.88
N THR A 519 -11.67 -4.27 -6.68
CA THR A 519 -12.42 -3.79 -5.52
C THR A 519 -13.77 -4.45 -5.30
N GLU A 520 -14.43 -4.90 -6.36
CA GLU A 520 -15.77 -5.48 -6.21
C GLU A 520 -15.75 -7.00 -6.27
N LEU A 521 -14.61 -7.57 -6.63
CA LEU A 521 -14.52 -9.02 -6.73
C LEU A 521 -14.02 -9.58 -5.40
N MET A 522 -14.86 -9.42 -4.38
CA MET A 522 -14.50 -9.83 -3.03
C MET A 522 -14.55 -11.35 -2.82
N ALA A 523 -15.49 -12.01 -3.50
CA ALA A 523 -15.54 -13.46 -3.49
C ALA A 523 -14.22 -14.03 -4.01
N ASP A 524 -13.74 -13.51 -5.13
CA ASP A 524 -12.49 -14.03 -5.67
C ASP A 524 -11.31 -13.71 -4.75
N MET A 525 -11.37 -12.55 -4.09
CA MET A 525 -10.28 -12.18 -3.18
C MET A 525 -10.27 -13.15 -2.01
N VAL A 526 -11.43 -13.41 -1.45
CA VAL A 526 -11.53 -14.33 -0.30
C VAL A 526 -11.08 -15.73 -0.70
N GLU A 527 -11.46 -16.14 -1.91
CA GLU A 527 -11.02 -17.44 -2.44
C GLU A 527 -9.52 -17.52 -2.67
N THR A 528 -8.94 -16.50 -3.31
CA THR A 528 -7.56 -16.63 -3.77
C THR A 528 -6.46 -15.91 -2.96
N LYS A 529 -6.78 -14.80 -2.29
CA LYS A 529 -5.74 -14.01 -1.60
C LYS A 529 -5.11 -14.73 -0.39
N ILE A 530 -5.76 -15.82 0.04
CA ILE A 530 -5.24 -16.69 1.11
C ILE A 530 -3.85 -17.24 0.77
N ALA A 531 -3.53 -17.30 -0.53
CA ALA A 531 -2.21 -17.72 -0.96
C ALA A 531 -1.07 -16.90 -0.36
N GLN A 532 -1.33 -15.64 -0.01
CA GLN A 532 -0.26 -14.77 0.49
C GLN A 532 0.17 -15.10 1.93
N PRO A 533 -0.76 -15.12 2.91
CA PRO A 533 -0.29 -15.62 4.20
C PRO A 533 0.14 -17.11 4.17
N ARG A 534 -0.38 -17.89 3.25
CA ARG A 534 0.10 -19.27 3.10
C ARG A 534 1.55 -19.27 2.65
N ALA A 535 1.96 -18.17 2.01
CA ALA A 535 3.31 -18.03 1.51
C ALA A 535 4.24 -17.50 2.59
N GLY A 536 3.71 -17.29 3.79
CA GLY A 536 4.52 -16.80 4.90
C GLY A 536 4.60 -15.29 5.00
N ALA A 537 3.74 -14.57 4.29
CA ALA A 537 3.68 -13.11 4.40
C ALA A 537 2.89 -12.73 5.65
N SER A 538 3.48 -11.91 6.52
CA SER A 538 2.76 -11.45 7.72
C SER A 538 1.79 -10.31 7.43
N THR A 539 1.83 -9.78 6.21
CA THR A 539 0.83 -8.80 5.81
C THR A 539 0.68 -8.78 4.30
N ALA A 540 -0.39 -8.16 3.83
CA ALA A 540 -0.57 -7.92 2.41
C ALA A 540 -1.56 -6.79 2.24
N TRP A 541 -1.55 -6.20 1.05
CA TRP A 541 -2.29 -4.97 0.80
C TRP A 541 -3.75 -5.14 0.34
N VAL A 542 -4.62 -4.31 0.90
CA VAL A 542 -6.02 -4.31 0.54
C VAL A 542 -6.41 -2.89 0.12
N PRO A 543 -7.40 -2.75 -0.76
CA PRO A 543 -7.77 -1.46 -1.32
C PRO A 543 -8.79 -0.66 -0.51
N SER A 544 -9.39 -1.29 0.49
CA SER A 544 -10.53 -0.69 1.16
C SER A 544 -10.75 -1.32 2.54
N PRO A 545 -11.43 -0.60 3.45
CA PRO A 545 -11.80 -1.14 4.75
C PRO A 545 -12.58 -2.45 4.63
N THR A 546 -13.54 -2.51 3.72
CA THR A 546 -14.29 -3.75 3.45
C THR A 546 -13.36 -4.91 3.09
N ALA A 547 -12.42 -4.67 2.19
CA ALA A 547 -11.48 -5.72 1.79
C ALA A 547 -10.52 -6.11 2.91
N ALA A 548 -10.26 -5.17 3.82
CA ALA A 548 -9.40 -5.46 4.96
C ALA A 548 -10.09 -6.42 5.93
N THR A 549 -11.40 -6.22 6.13
CA THR A 549 -12.19 -7.09 7.01
C THR A 549 -12.26 -8.51 6.43
N LEU A 550 -12.47 -8.59 5.13
CA LEU A 550 -12.57 -9.88 4.45
C LEU A 550 -11.23 -10.60 4.38
N HIS A 551 -10.15 -9.86 4.10
CA HIS A 551 -8.82 -10.45 4.04
C HIS A 551 -8.35 -10.92 5.43
N ALA A 552 -8.88 -10.28 6.47
CA ALA A 552 -8.62 -10.69 7.84
C ALA A 552 -9.01 -12.17 8.07
N LEU A 553 -10.07 -12.63 7.42
CA LEU A 553 -10.45 -14.06 7.49
C LEU A 553 -9.26 -14.96 7.23
N HIS A 554 -8.42 -14.59 6.28
CA HIS A 554 -7.32 -15.45 5.87
C HIS A 554 -6.32 -15.68 6.98
N TYR A 555 -6.19 -14.69 7.87
CA TYR A 555 -5.20 -14.74 8.94
C TYR A 555 -5.73 -15.52 10.12
N HIS A 556 -7.04 -15.74 10.15
CA HIS A 556 -7.61 -16.66 11.11
C HIS A 556 -7.49 -18.09 10.58
N GLN A 557 -7.47 -18.22 9.25
CA GLN A 557 -7.48 -19.52 8.61
C GLN A 557 -6.06 -20.09 8.55
N VAL A 558 -5.09 -19.18 8.48
CA VAL A 558 -3.69 -19.55 8.33
C VAL A 558 -2.86 -19.03 9.51
N ASP A 559 -2.04 -19.90 10.09
CA ASP A 559 -1.11 -19.51 11.15
C ASP A 559 0.20 -19.05 10.52
N VAL A 560 0.31 -17.74 10.28
CA VAL A 560 1.48 -17.19 9.60
C VAL A 560 2.77 -17.45 10.35
N ALA A 561 2.74 -17.27 11.66
CA ALA A 561 3.91 -17.53 12.50
C ALA A 561 4.46 -18.96 12.30
N ALA A 562 3.56 -19.94 12.28
CA ALA A 562 3.92 -21.33 12.03
C ALA A 562 4.42 -21.54 10.61
N VAL A 563 3.80 -20.86 9.65
CA VAL A 563 4.25 -21.00 8.26
C VAL A 563 5.68 -20.49 8.13
N GLN A 564 5.94 -19.36 8.78
CA GLN A 564 7.26 -18.75 8.75
C GLN A 564 8.32 -19.61 9.41
N GLN A 565 7.98 -20.27 10.51
CA GLN A 565 8.93 -21.15 11.20
C GLN A 565 9.31 -22.32 10.31
N GLY A 566 8.36 -22.79 9.50
CA GLY A 566 8.60 -23.91 8.62
C GLY A 566 9.35 -23.56 7.35
N LEU A 567 9.35 -22.27 7.00
CA LEU A 567 10.06 -21.82 5.80
C LEU A 567 11.50 -21.39 6.11
N ALA A 568 11.74 -20.99 7.35
CA ALA A 568 13.01 -20.36 7.71
C ALA A 568 14.20 -21.26 7.34
N GLY A 569 15.24 -20.65 6.80
CA GLY A 569 16.43 -21.41 6.42
C GLY A 569 16.37 -21.98 5.01
N LYS A 570 15.21 -21.91 4.35
CA LYS A 570 15.09 -22.42 2.98
C LYS A 570 15.58 -21.41 1.95
N ARG A 571 16.07 -21.92 0.83
CA ARG A 571 16.48 -21.10 -0.30
C ARG A 571 15.73 -21.60 -1.52
N ARG A 572 14.63 -20.91 -1.84
CA ARG A 572 13.68 -21.42 -2.83
C ARG A 572 13.80 -20.79 -4.20
N ALA A 573 14.65 -19.77 -4.33
CA ALA A 573 14.85 -19.15 -5.62
C ALA A 573 16.33 -19.10 -5.98
N THR A 574 16.60 -19.15 -7.26
CA THR A 574 17.97 -19.05 -7.73
C THR A 574 18.14 -17.69 -8.39
N ILE A 575 19.39 -17.24 -8.50
CA ILE A 575 19.67 -16.02 -9.23
C ILE A 575 19.27 -16.15 -10.70
N GLU A 576 19.36 -17.37 -11.25
CA GLU A 576 19.00 -17.60 -12.65
C GLU A 576 17.51 -17.42 -12.87
N GLN A 577 16.71 -17.95 -11.95
CA GLN A 577 15.25 -17.74 -11.96
C GLN A 577 14.91 -16.25 -11.88
N LEU A 578 15.51 -15.54 -10.93
CA LEU A 578 15.29 -14.10 -10.77
C LEU A 578 15.60 -13.31 -12.05
N LEU A 579 16.63 -13.76 -12.78
CA LEU A 579 17.09 -13.09 -13.99
C LEU A 579 16.42 -13.60 -15.26
N THR A 580 15.40 -14.43 -15.13
CA THR A 580 14.73 -14.95 -16.31
C THR A 580 13.79 -13.94 -16.95
N ILE A 581 14.32 -13.19 -17.92
CA ILE A 581 13.59 -12.14 -18.62
C ILE A 581 12.34 -12.67 -19.31
N PRO A 582 11.20 -11.98 -19.13
CA PRO A 582 9.92 -12.45 -19.68
C PRO A 582 9.74 -12.20 -21.19
N LEU A 583 10.66 -12.70 -22.01
CA LEU A 583 10.58 -12.52 -23.45
C LEU A 583 9.51 -13.41 -24.07
N ALA A 584 8.69 -12.84 -24.95
CA ALA A 584 7.70 -13.66 -25.64
C ALA A 584 8.34 -14.65 -26.62
N LYS A 585 7.77 -15.85 -26.70
CA LYS A 585 8.25 -16.86 -27.65
C LYS A 585 8.00 -16.38 -29.09
N GLU A 586 8.81 -16.90 -30.01
CA GLU A 586 8.79 -16.49 -31.42
C GLU A 586 7.39 -16.51 -32.02
N LEU A 587 6.75 -15.34 -32.04
CA LEU A 587 5.40 -15.17 -32.58
C LEU A 587 4.38 -16.06 -31.86
N ALA A 588 3.94 -15.61 -30.68
CA ALA A 588 3.06 -16.40 -29.84
C ALA A 588 1.63 -15.83 -29.76
N TRP A 589 1.34 -14.83 -30.59
CA TRP A 589 0.04 -14.18 -30.54
C TRP A 589 -0.68 -14.13 -31.88
N ALA A 590 -2.01 -14.24 -31.82
CA ALA A 590 -2.87 -13.98 -32.97
C ALA A 590 -3.07 -12.48 -33.08
N PRO A 591 -3.50 -11.98 -34.26
CA PRO A 591 -3.78 -10.56 -34.41
C PRO A 591 -4.78 -10.04 -33.38
N ASP A 592 -5.81 -10.82 -33.09
CA ASP A 592 -6.85 -10.41 -32.16
C ASP A 592 -6.36 -10.35 -30.70
N GLU A 593 -5.36 -11.16 -30.38
CA GLU A 593 -4.73 -11.12 -29.07
C GLU A 593 -3.87 -9.88 -28.91
N ILE A 594 -3.13 -9.54 -29.98
CA ILE A 594 -2.32 -8.33 -30.01
C ILE A 594 -3.20 -7.09 -29.85
N ARG A 595 -4.27 -7.06 -30.65
CA ARG A 595 -5.23 -5.97 -30.61
C ARG A 595 -5.81 -5.79 -29.21
N GLU A 596 -6.17 -6.91 -28.59
CA GLU A 596 -6.74 -6.93 -27.25
C GLU A 596 -5.80 -6.32 -26.21
N GLU A 597 -4.52 -6.67 -26.30
CA GLU A 597 -3.50 -6.22 -25.36
C GLU A 597 -3.20 -4.72 -25.54
N VAL A 598 -3.18 -4.26 -26.79
CA VAL A 598 -3.03 -2.82 -27.03
C VAL A 598 -4.22 -2.05 -26.45
N ASP A 599 -5.44 -2.46 -26.79
CA ASP A 599 -6.64 -1.83 -26.24
C ASP A 599 -6.65 -1.85 -24.73
N ASN A 600 -6.23 -2.99 -24.17
CA ASN A 600 -6.15 -3.17 -22.72
C ASN A 600 -5.28 -2.10 -22.11
N ASN A 601 -4.05 -2.01 -22.61
CA ASN A 601 -3.08 -1.08 -22.06
C ASN A 601 -3.43 0.39 -22.31
N CYS A 602 -3.90 0.71 -23.50
CA CYS A 602 -4.27 2.09 -23.81
C CYS A 602 -5.44 2.52 -22.94
N GLN A 603 -6.30 1.57 -22.61
CA GLN A 603 -7.46 1.89 -21.78
C GLN A 603 -7.03 2.14 -20.34
N SER A 604 -6.13 1.30 -19.85
CA SER A 604 -5.58 1.48 -18.51
C SER A 604 -4.94 2.85 -18.39
N ILE A 605 -4.17 3.24 -19.40
CA ILE A 605 -3.46 4.49 -19.35
C ILE A 605 -4.44 5.67 -19.38
N LEU A 606 -5.36 5.65 -20.34
CA LEU A 606 -6.33 6.74 -20.45
C LEU A 606 -7.26 6.87 -19.23
N GLY A 607 -7.76 5.73 -18.76
CA GLY A 607 -8.68 5.70 -17.63
C GLY A 607 -8.09 6.28 -16.37
N TYR A 608 -6.81 5.97 -16.11
CA TYR A 608 -6.09 6.52 -14.96
C TYR A 608 -5.64 7.98 -15.19
N VAL A 609 -5.04 8.25 -16.34
CA VAL A 609 -4.45 9.56 -16.64
C VAL A 609 -5.48 10.68 -16.66
N VAL A 610 -6.65 10.42 -17.24
CA VAL A 610 -7.64 11.49 -17.36
C VAL A 610 -8.05 12.01 -15.97
N ARG A 611 -8.20 11.11 -15.01
CA ARG A 611 -8.53 11.52 -13.65
C ARG A 611 -7.33 12.21 -12.96
N TRP A 612 -6.12 11.74 -13.28
CA TRP A 612 -4.91 12.31 -12.70
C TRP A 612 -4.66 13.76 -13.20
N VAL A 613 -4.59 13.93 -14.52
CA VAL A 613 -4.29 15.22 -15.10
C VAL A 613 -5.41 16.27 -14.89
N ASP A 614 -6.65 15.83 -15.04
CA ASP A 614 -7.79 16.76 -14.99
C ASP A 614 -8.30 17.08 -13.59
N GLN A 615 -8.28 16.11 -12.69
CA GLN A 615 -8.85 16.30 -11.37
C GLN A 615 -7.86 16.08 -10.21
N GLY A 616 -6.60 15.75 -10.53
CA GLY A 616 -5.60 15.50 -9.51
C GLY A 616 -5.95 14.34 -8.59
N VAL A 617 -6.59 13.32 -9.16
CA VAL A 617 -6.94 12.09 -8.44
C VAL A 617 -5.98 10.99 -8.86
N GLY A 618 -5.25 10.44 -7.90
CA GLY A 618 -4.26 9.41 -8.17
C GLY A 618 -4.63 7.99 -7.75
N ALA A 619 -5.84 7.82 -7.25
CA ALA A 619 -6.40 6.51 -6.92
C ALA A 619 -7.92 6.62 -6.77
N SER A 620 -8.62 5.64 -7.35
CA SER A 620 -10.08 5.62 -7.42
C SER A 620 -10.48 4.32 -8.11
N LYS A 621 -11.76 3.96 -8.02
CA LYS A 621 -12.26 2.79 -8.74
C LYS A 621 -12.37 3.09 -10.23
N VAL A 622 -11.39 2.63 -11.00
CA VAL A 622 -11.39 2.86 -12.42
C VAL A 622 -11.80 1.60 -13.17
N PRO A 623 -12.93 1.68 -13.92
CA PRO A 623 -13.38 0.54 -14.72
C PRO A 623 -12.33 0.18 -15.74
N ASP A 624 -11.98 -1.10 -15.85
CA ASP A 624 -11.00 -1.51 -16.84
C ASP A 624 -11.70 -1.71 -18.18
N ILE A 625 -11.05 -2.43 -19.10
CA ILE A 625 -11.57 -2.60 -20.45
C ILE A 625 -12.80 -3.53 -20.46
N HIS A 626 -12.87 -4.41 -19.46
CA HIS A 626 -14.00 -5.33 -19.32
C HIS A 626 -15.03 -4.82 -18.32
N ASP A 627 -14.91 -3.54 -17.98
CA ASP A 627 -15.76 -2.87 -16.98
C ASP A 627 -15.63 -3.41 -15.55
N VAL A 628 -14.57 -4.18 -15.30
CA VAL A 628 -14.23 -4.59 -13.93
C VAL A 628 -13.52 -3.45 -13.21
N ALA A 629 -14.05 -3.08 -12.05
CA ALA A 629 -13.49 -1.96 -11.28
C ALA A 629 -12.16 -2.30 -10.62
N LEU A 630 -11.11 -1.57 -10.99
CA LEU A 630 -9.79 -1.72 -10.40
C LEU A 630 -9.40 -0.47 -9.62
N MET A 631 -8.74 -0.66 -8.47
CA MET A 631 -8.18 0.47 -7.73
C MET A 631 -6.67 0.34 -7.77
N GLU A 632 -6.09 0.77 -8.88
CA GLU A 632 -4.64 0.73 -9.03
C GLU A 632 -4.08 2.11 -8.68
N ASP A 633 -2.76 2.17 -8.48
CA ASP A 633 -2.09 3.45 -8.40
C ASP A 633 -1.28 3.72 -9.66
N ARG A 634 -0.36 4.69 -9.60
CA ARG A 634 0.44 5.13 -10.73
C ARG A 634 1.36 4.05 -11.36
N ALA A 635 1.66 2.98 -10.62
CA ALA A 635 2.41 1.85 -11.17
C ALA A 635 1.69 1.17 -12.36
N THR A 636 0.36 1.25 -12.38
CA THR A 636 -0.40 0.71 -13.51
C THR A 636 0.04 1.37 -14.79
N LEU A 637 0.34 2.66 -14.69
CA LEU A 637 0.82 3.47 -15.81
C LEU A 637 2.20 3.03 -16.26
N ARG A 638 3.05 2.73 -15.27
CA ARG A 638 4.42 2.36 -15.59
C ARG A 638 4.47 1.04 -16.36
N ILE A 639 3.72 0.05 -15.92
CA ILE A 639 3.71 -1.23 -16.60
C ILE A 639 3.07 -1.13 -18.02
N SER A 640 1.92 -0.48 -18.12
CA SER A 640 1.20 -0.38 -19.40
C SER A 640 2.00 0.38 -20.45
N SER A 641 2.50 1.56 -20.08
CA SER A 641 3.27 2.38 -21.00
C SER A 641 4.58 1.71 -21.39
N GLN A 642 5.22 1.01 -20.45
CA GLN A 642 6.46 0.30 -20.78
C GLN A 642 6.22 -0.90 -21.71
N LEU A 643 5.12 -1.61 -21.48
CA LEU A 643 4.77 -2.75 -22.32
C LEU A 643 4.50 -2.28 -23.74
N LEU A 644 3.68 -1.24 -23.89
CA LEU A 644 3.38 -0.70 -25.22
C LEU A 644 4.63 -0.15 -25.90
N ALA A 645 5.49 0.53 -25.14
CA ALA A 645 6.72 1.08 -25.70
C ALA A 645 7.62 -0.04 -26.18
N ASN A 646 7.56 -1.17 -25.48
CA ASN A 646 8.38 -2.33 -25.82
C ASN A 646 7.88 -3.03 -27.10
N TRP A 647 6.57 -3.18 -27.19
CA TRP A 647 5.96 -3.79 -28.36
C TRP A 647 6.22 -2.93 -29.59
N LEU A 648 6.13 -1.62 -29.42
CA LEU A 648 6.45 -0.65 -30.44
C LEU A 648 7.93 -0.76 -30.83
N ARG A 649 8.80 -0.88 -29.84
CA ARG A 649 10.24 -0.96 -30.04
C ARG A 649 10.66 -2.16 -30.88
N HIS A 650 9.91 -3.25 -30.78
CA HIS A 650 10.28 -4.50 -31.44
C HIS A 650 9.34 -4.92 -32.56
N GLY A 651 8.47 -4.01 -32.98
CA GLY A 651 7.67 -4.21 -34.18
C GLY A 651 6.54 -5.20 -34.03
N VAL A 652 6.02 -5.32 -32.81
CA VAL A 652 4.85 -6.12 -32.55
C VAL A 652 3.63 -5.35 -33.02
N ILE A 653 3.71 -4.02 -32.90
CA ILE A 653 2.62 -3.14 -33.28
C ILE A 653 3.18 -1.90 -33.98
N THR A 654 2.30 -1.14 -34.62
CA THR A 654 2.73 0.09 -35.28
C THR A 654 2.29 1.31 -34.48
N SER A 655 2.85 2.45 -34.82
CA SER A 655 2.42 3.71 -34.24
C SER A 655 0.99 4.03 -34.65
N ALA A 656 0.54 3.47 -35.77
CA ALA A 656 -0.87 3.59 -36.15
C ALA A 656 -1.72 2.80 -35.18
N ASP A 657 -1.29 1.58 -34.88
CA ASP A 657 -1.99 0.73 -33.90
C ASP A 657 -2.21 1.46 -32.57
N VAL A 658 -1.14 2.06 -32.05
CA VAL A 658 -1.22 2.78 -30.79
C VAL A 658 -2.23 3.92 -30.84
N ARG A 659 -2.05 4.80 -31.83
CA ARG A 659 -2.94 5.96 -31.95
C ARG A 659 -4.40 5.56 -32.16
N ALA A 660 -4.63 4.51 -32.96
CA ALA A 660 -5.98 4.02 -33.23
C ALA A 660 -6.63 3.47 -31.96
N SER A 661 -5.86 2.71 -31.19
CA SER A 661 -6.37 2.21 -29.92
C SER A 661 -6.71 3.36 -28.97
N LEU A 662 -5.78 4.29 -28.77
CA LEU A 662 -6.05 5.43 -27.90
C LEU A 662 -7.33 6.17 -28.32
N GLU A 663 -7.53 6.31 -29.63
CA GLU A 663 -8.73 6.98 -30.13
C GLU A 663 -9.98 6.10 -30.00
N ARG A 664 -9.84 4.78 -30.07
CA ARG A 664 -10.97 3.89 -29.80
C ARG A 664 -11.34 3.89 -28.30
N MET A 665 -10.33 3.84 -27.45
CA MET A 665 -10.57 3.68 -26.01
C MET A 665 -10.97 4.97 -25.33
N ALA A 666 -10.53 6.09 -25.88
CA ALA A 666 -10.87 7.39 -25.30
C ALA A 666 -12.37 7.66 -25.09
N PRO A 667 -13.21 7.50 -26.13
CA PRO A 667 -14.64 7.70 -25.86
C PRO A 667 -15.22 6.63 -24.92
N LEU A 668 -14.60 5.45 -24.92
CA LEU A 668 -14.99 4.41 -23.98
C LEU A 668 -14.77 4.94 -22.56
N VAL A 669 -13.57 5.47 -22.32
CA VAL A 669 -13.25 6.10 -21.03
C VAL A 669 -14.24 7.21 -20.68
N ASP A 670 -14.49 8.11 -21.63
CA ASP A 670 -15.47 9.19 -21.44
C ASP A 670 -16.82 8.63 -20.97
N ARG A 671 -17.25 7.55 -21.62
CA ARG A 671 -18.51 6.88 -21.27
C ARG A 671 -18.45 6.29 -19.86
N GLN A 672 -17.34 5.64 -19.53
CA GLN A 672 -17.14 5.06 -18.20
C GLN A 672 -17.12 6.13 -17.10
N ASN A 673 -17.01 7.39 -17.51
CA ASN A 673 -16.97 8.51 -16.58
C ASN A 673 -18.25 9.33 -16.56
N ALA A 674 -19.32 8.80 -17.16
CA ALA A 674 -20.64 9.39 -17.02
C ALA A 674 -21.05 9.25 -15.56
N GLY A 675 -21.61 10.30 -14.98
CA GLY A 675 -21.92 10.26 -13.57
C GLY A 675 -20.95 11.06 -12.74
N ASP A 676 -19.96 11.66 -13.41
CA ASP A 676 -18.99 12.53 -12.78
C ASP A 676 -19.17 13.94 -13.37
N VAL A 677 -19.58 14.89 -12.52
CA VAL A 677 -19.90 16.24 -12.95
C VAL A 677 -18.69 17.07 -13.36
N ALA A 678 -17.53 16.77 -12.78
CA ALA A 678 -16.34 17.57 -13.08
C ALA A 678 -15.54 16.99 -14.24
N TYR A 679 -16.09 15.95 -14.87
CA TYR A 679 -15.38 15.28 -15.95
C TYR A 679 -15.37 16.07 -17.25
N ARG A 680 -14.19 16.18 -17.86
CA ARG A 680 -13.97 16.86 -19.14
C ARG A 680 -13.63 15.80 -20.21
N PRO A 681 -14.58 15.54 -21.12
CA PRO A 681 -14.46 14.51 -22.16
C PRO A 681 -13.23 14.71 -23.05
N MET A 682 -12.63 13.61 -23.51
CA MET A 682 -11.45 13.66 -24.36
C MET A 682 -11.81 13.66 -25.85
N ALA A 683 -12.76 12.80 -26.21
CA ALA A 683 -13.30 12.71 -27.57
C ALA A 683 -14.28 13.87 -27.83
N PRO A 684 -14.36 14.33 -29.09
CA PRO A 684 -13.66 13.87 -30.30
C PRO A 684 -12.38 14.65 -30.59
N ASN A 685 -12.18 15.76 -29.87
CA ASN A 685 -10.99 16.59 -30.10
C ASN A 685 -9.80 16.13 -29.25
N PHE A 686 -9.22 14.97 -29.60
CA PHE A 686 -8.18 14.35 -28.78
C PHE A 686 -6.97 15.25 -28.51
N ASP A 687 -6.39 15.79 -29.57
CA ASP A 687 -5.19 16.61 -29.45
C ASP A 687 -5.45 17.93 -28.73
N ASP A 688 -6.70 18.16 -28.36
CA ASP A 688 -7.06 19.32 -27.55
C ASP A 688 -7.11 18.98 -26.04
N SER A 689 -7.05 17.69 -25.70
CA SER A 689 -7.06 17.29 -24.30
C SER A 689 -5.65 17.04 -23.77
N ILE A 690 -5.24 17.78 -22.76
CA ILE A 690 -3.94 17.58 -22.14
C ILE A 690 -3.79 16.14 -21.61
N ALA A 691 -4.85 15.60 -21.03
CA ALA A 691 -4.88 14.20 -20.58
C ALA A 691 -4.60 13.22 -21.71
N PHE A 692 -5.29 13.39 -22.83
CA PHE A 692 -5.07 12.51 -23.97
C PHE A 692 -3.61 12.59 -24.43
N LEU A 693 -3.09 13.81 -24.57
CA LEU A 693 -1.69 14.00 -24.95
C LEU A 693 -0.71 13.43 -23.92
N ALA A 694 -1.07 13.47 -22.64
CA ALA A 694 -0.22 12.91 -21.61
C ALA A 694 -0.10 11.42 -21.84
N ALA A 695 -1.25 10.80 -22.08
CA ALA A 695 -1.33 9.36 -22.25
C ALA A 695 -0.53 8.94 -23.47
N GLN A 696 -0.68 9.71 -24.56
CA GLN A 696 0.09 9.45 -25.76
C GLN A 696 1.57 9.59 -25.49
N GLU A 697 1.95 10.66 -24.80
CA GLU A 697 3.36 10.92 -24.50
C GLU A 697 4.00 9.80 -23.67
N LEU A 698 3.26 9.28 -22.70
CA LEU A 698 3.74 8.20 -21.83
C LEU A 698 4.16 6.99 -22.64
N ILE A 699 3.41 6.70 -23.70
CA ILE A 699 3.73 5.56 -24.54
C ILE A 699 4.88 5.89 -25.51
N LEU A 700 4.74 7.01 -26.23
CA LEU A 700 5.67 7.33 -27.31
C LEU A 700 7.03 7.70 -26.78
N SER A 701 7.08 8.29 -25.59
CA SER A 701 8.36 8.64 -24.99
C SER A 701 8.72 7.66 -23.88
N GLY A 702 7.97 6.57 -23.80
CA GLY A 702 8.14 5.57 -22.75
C GLY A 702 9.54 5.02 -22.58
N ALA A 703 10.13 4.59 -23.68
CA ALA A 703 11.47 4.02 -23.66
C ALA A 703 12.57 4.97 -23.18
N GLN A 704 12.29 6.28 -23.18
CA GLN A 704 13.31 7.27 -22.80
C GLN A 704 13.22 7.72 -21.34
N GLN A 705 12.17 7.31 -20.66
CA GLN A 705 11.97 7.74 -19.28
C GLN A 705 12.93 7.00 -18.35
N PRO A 706 13.47 7.70 -17.34
CA PRO A 706 14.43 7.04 -16.45
C PRO A 706 13.76 5.86 -15.75
N ASN A 707 14.26 4.66 -16.02
CA ASN A 707 13.72 3.42 -15.49
C ASN A 707 12.23 3.24 -15.77
N GLY A 708 11.75 3.85 -16.86
CA GLY A 708 10.35 3.74 -17.21
C GLY A 708 9.43 4.53 -16.30
N TYR A 709 9.98 5.41 -15.47
CA TYR A 709 9.15 6.17 -14.51
C TYR A 709 8.24 7.17 -15.21
N THR A 710 7.00 7.27 -14.73
CA THR A 710 6.00 8.10 -15.39
C THR A 710 5.80 9.48 -14.75
N GLU A 711 6.41 9.72 -13.59
CA GLU A 711 6.20 10.97 -12.88
C GLU A 711 6.62 12.23 -13.66
N PRO A 712 7.80 12.22 -14.33
CA PRO A 712 8.20 13.45 -15.04
C PRO A 712 7.16 13.93 -16.04
N ILE A 713 6.64 13.02 -16.85
CA ILE A 713 5.61 13.35 -17.81
C ILE A 713 4.31 13.72 -17.12
N LEU A 714 3.82 12.86 -16.22
CA LEU A 714 2.56 13.11 -15.53
C LEU A 714 2.55 14.44 -14.79
N HIS A 715 3.64 14.73 -14.10
CA HIS A 715 3.76 15.96 -13.32
C HIS A 715 3.70 17.20 -14.21
N ARG A 716 4.48 17.16 -15.28
CA ARG A 716 4.49 18.24 -16.27
C ARG A 716 3.09 18.46 -16.85
N ARG A 717 2.38 17.40 -17.22
CA ARG A 717 1.07 17.54 -17.83
C ARG A 717 0.02 18.07 -16.85
N ARG A 718 0.05 17.58 -15.60
CA ARG A 718 -0.88 18.08 -14.60
C ARG A 718 -0.61 19.57 -14.34
N ARG A 719 0.66 19.94 -14.31
CA ARG A 719 1.04 21.35 -14.13
C ARG A 719 0.58 22.20 -15.32
N GLU A 720 0.75 21.67 -16.52
CA GLU A 720 0.23 22.33 -17.73
C GLU A 720 -1.28 22.53 -17.61
N PHE A 721 -1.98 21.53 -17.10
CA PHE A 721 -3.42 21.63 -16.95
C PHE A 721 -3.82 22.70 -15.92
N LYS A 722 -3.11 22.74 -14.80
CA LYS A 722 -3.40 23.73 -13.77
C LYS A 722 -3.21 25.15 -14.31
N ALA A 723 -2.15 25.36 -15.07
CA ALA A 723 -1.84 26.66 -15.66
C ALA A 723 -2.88 27.10 -16.72
N ARG A 724 -3.38 26.15 -17.51
CA ARG A 724 -4.45 26.44 -18.46
C ARG A 724 -5.77 26.75 -17.76
N ALA A 725 -6.06 26.01 -16.70
CA ALA A 725 -7.30 26.23 -15.93
C ALA A 725 -7.28 27.57 -15.22
N ALA A 726 -6.09 28.15 -15.12
CA ALA A 726 -5.94 29.46 -14.48
C ALA A 726 -5.42 30.47 -15.49
N GLU A 727 -6.14 30.60 -16.60
CA GLU A 727 -5.69 31.47 -17.69
C GLU A 727 -6.87 31.91 -18.55
#